data_8TXM
#
_entry.id   8TXM
#
_cell.length_a   167.531
_cell.length_b   167.531
_cell.length_c   167.531
_cell.angle_alpha   90.00
_cell.angle_beta   90.00
_cell.angle_gamma   90.00
#
_symmetry.space_group_name_H-M   'P 21 3'
#
loop_
_entity.id
_entity.type
_entity.pdbx_description
1 polymer Hemagglutinin
2 polymer Hemagglutinin
3 polymer 'GC_w13_B, Fab heavy chain'
4 polymer 'GC_w13_B, Fab light chain'
5 branched 2-acetamido-2-deoxy-beta-D-glucopyranose-(1-4)-2-acetamido-2-deoxy-beta-D-glucopyranose
6 non-polymer 2-acetamido-2-deoxy-beta-D-glucopyranose
7 non-polymer 'MAGNESIUM ION'
#
loop_
_entity_poly.entity_id
_entity_poly.type
_entity_poly.pdbx_seq_one_letter_code
_entity_poly.pdbx_strand_id
1 'polypeptide(L)'
;ADPGDTLCIGYHANNSTDTVDTVLEKNVTVTHSVNLLEDKHNGKLCKLRGVAPLHLGKCNIAGWILGNPECESLSTASSW
SYIVETPSSDNGTCYPGDFIDYEELREQLSSVSSFERFEIFPKTSSWPNHDSNKGVTAACPHAGAKSFYKNLIWLVKKGN
SYPKLSKSYINDKGKEVLVLWGIHHPSTSADQQSLYQNADTYVFVGSSRYSKKFKPEIAIRPKVRDQEGRMNYYWTLVEP
GDKITFEATGNLVVPRYAFAMERNAGSGIIISDTPVHDCNTTCQTPKGAINTSLPFQNIHPITIGKCPKYVKSTKLRLAT
GLRNIPSI
;
A
2 'polypeptide(L)'
;GLFGAIAGFIEGGWTGMVDGWYGYHHQNEQGSGYAADLKSTQNAIDGITNKVNSVIEKMNTQFTAVGKEFNHLEKRIENL
NKKVDDGFLDIWTYNAELLVLLENERTLDYHDSNVKNLYEKVRSQLKNNAKEIGNGCFEFYHKCDNTCMESVKNGTYDYP
KYSEEAKLNREEI
;
B
3 'polypeptide(L)'
;SQVQLVQSGTEVKKPGSSVKVSCKASGVTFSSYAMSWVRQAPGQGLEWMGGFIPILGTANYAQKFQGRLTITADGLTGTV
YMELSRLRSEDTAVYYCAREVTWKGASIGVLGIWGQGTMVSVSASTKGPSVFPLAPSSKSTSGGTAALGCLVKDYFPEPV
TVSWNSGALTSGVHTFPAVLQSSGLYSLSSVVTVPSSSLGTQTYICNVNHKPSNTKVDKKVEPKSC
;
H
4 'polypeptide(L)'
;DDIQMTQSPSSLSASVGDRVIITCRANQSIGGYLNWYQQKPGKAPNLLIFTASTLQSGVPSRFSGGGSGTDFTLTISSLQ
PEDFATYYCQQNYNTPRTFGQGTKVDIKRTVAAPSVFIFPPSDEQLKSGTASVVCLLNNFYPREAKVQWKVDNALQSGNS
QESVTEQDSKDSTYSLSSTLTLSKADYEKHKVYACEVTHQGLSSPVTKSFNRGE
;
L
#
loop_
_chem_comp.id
_chem_comp.type
_chem_comp.name
_chem_comp.formula
MG non-polymer 'MAGNESIUM ION' 'Mg 2'
NAG D-saccharide, beta linking 2-acetamido-2-deoxy-beta-D-glucopyranose 'C8 H15 N O6'
#
# COMPACT_ATOMS: atom_id res chain seq x y z
N PRO A 3 48.94 4.00 33.52
CA PRO A 3 48.02 3.49 32.51
C PRO A 3 48.12 4.25 31.19
N GLY A 4 47.06 4.18 30.39
CA GLY A 4 47.05 4.86 29.11
C GLY A 4 45.75 4.72 28.35
N ASP A 5 45.84 4.53 27.04
CA ASP A 5 44.65 4.41 26.21
C ASP A 5 43.91 3.11 26.48
N THR A 6 42.59 3.16 26.35
CA THR A 6 41.73 2.01 26.62
C THR A 6 40.70 1.85 25.50
N LEU A 7 40.28 0.60 25.31
CA LEU A 7 39.17 0.27 24.41
C LEU A 7 38.26 -0.73 25.10
N CYS A 8 36.95 -0.53 24.94
CA CYS A 8 35.96 -1.33 25.63
C CYS A 8 34.98 -1.96 24.63
N ILE A 9 34.29 -2.98 25.09
CA ILE A 9 33.24 -3.64 24.32
C ILE A 9 31.99 -3.71 25.20
N GLY A 10 30.87 -3.22 24.67
CA GLY A 10 29.63 -3.17 25.42
C GLY A 10 28.44 -3.22 24.49
N TYR A 11 27.25 -3.22 25.10
CA TYR A 11 26.00 -3.32 24.37
C TYR A 11 25.17 -2.06 24.55
N HIS A 12 24.04 -2.01 23.85
CA HIS A 12 23.20 -0.82 23.78
C HIS A 12 22.12 -0.84 24.84
N ALA A 13 21.82 0.33 25.40
CA ALA A 13 20.75 0.50 26.37
C ALA A 13 19.98 1.77 26.02
N ASN A 14 18.70 1.79 26.41
CA ASN A 14 17.83 2.92 26.11
C ASN A 14 16.82 3.07 27.25
N ASN A 15 15.78 3.87 27.02
CA ASN A 15 14.76 4.16 28.02
C ASN A 15 13.54 3.26 27.88
N SER A 16 13.68 2.10 27.25
CA SER A 16 12.55 1.21 27.05
C SER A 16 12.10 0.59 28.37
N THR A 17 10.78 0.47 28.54
CA THR A 17 10.20 -0.20 29.69
C THR A 17 9.52 -1.50 29.31
N ASP A 18 9.70 -1.98 28.08
CA ASP A 18 9.07 -3.20 27.64
C ASP A 18 9.61 -4.40 28.41
N THR A 19 8.72 -5.32 28.75
CA THR A 19 9.07 -6.53 29.48
C THR A 19 8.60 -7.74 28.71
N VAL A 20 9.41 -8.81 28.72
CA VAL A 20 9.08 -10.06 28.06
C VAL A 20 9.23 -11.19 29.05
N ASP A 21 8.57 -12.30 28.75
CA ASP A 21 8.61 -13.51 29.57
C ASP A 21 9.35 -14.60 28.80
N THR A 22 10.43 -15.10 29.38
CA THR A 22 11.21 -16.18 28.78
C THR A 22 10.91 -17.48 29.51
N VAL A 23 11.52 -18.57 29.02
CA VAL A 23 11.29 -19.87 29.63
C VAL A 23 11.92 -19.93 31.03
N LEU A 24 13.06 -19.29 31.21
CA LEU A 24 13.79 -19.31 32.48
C LEU A 24 13.52 -18.09 33.34
N GLU A 25 12.97 -17.02 32.79
CA GLU A 25 12.83 -15.77 33.53
C GLU A 25 11.53 -15.08 33.14
N LYS A 26 11.03 -14.25 34.03
CA LYS A 26 9.79 -13.52 33.83
C LYS A 26 10.02 -12.02 34.02
N ASN A 27 9.26 -11.23 33.26
CA ASN A 27 9.34 -9.77 33.31
C ASN A 27 10.77 -9.27 33.08
N VAL A 28 11.33 -9.65 31.95
CA VAL A 28 12.69 -9.28 31.58
C VAL A 28 12.63 -8.00 30.75
N THR A 29 13.31 -6.95 31.22
CA THR A 29 13.33 -5.70 30.49
C THR A 29 14.15 -5.86 29.22
N VAL A 30 13.61 -5.34 28.11
CA VAL A 30 14.24 -5.48 26.81
C VAL A 30 14.31 -4.10 26.15
N THR A 31 15.39 -3.87 25.40
CA THR A 31 15.55 -2.60 24.69
C THR A 31 14.48 -2.43 23.62
N HIS A 32 14.14 -3.52 22.92
CA HIS A 32 13.12 -3.49 21.89
C HIS A 32 12.33 -4.78 21.92
N SER A 33 11.09 -4.72 21.45
CA SER A 33 10.20 -5.88 21.43
C SER A 33 9.10 -5.62 20.41
N VAL A 34 8.38 -6.69 20.07
CA VAL A 34 7.24 -6.63 19.16
C VAL A 34 6.07 -7.37 19.79
N ASN A 35 4.90 -6.75 19.76
CA ASN A 35 3.68 -7.36 20.27
C ASN A 35 2.97 -8.10 19.14
N LEU A 36 2.52 -9.32 19.43
CA LEU A 36 1.77 -10.12 18.47
C LEU A 36 0.30 -10.25 18.83
N LEU A 37 -0.15 -9.63 19.91
CA LEU A 37 -1.51 -9.77 20.41
C LEU A 37 -2.17 -8.41 20.52
N GLU A 38 -3.30 -8.23 19.84
CA GLU A 38 -4.08 -7.00 19.94
C GLU A 38 -5.13 -7.18 21.03
N ASP A 39 -5.01 -6.36 22.08
CA ASP A 39 -5.90 -6.45 23.23
C ASP A 39 -6.85 -5.26 23.35
N LYS A 40 -6.98 -4.46 22.29
CA LYS A 40 -7.83 -3.28 22.31
C LYS A 40 -9.00 -3.46 21.34
N HIS A 41 -10.17 -2.98 21.75
CA HIS A 41 -11.35 -2.91 20.89
C HIS A 41 -11.99 -1.54 21.04
N ASN A 42 -12.47 -0.99 19.93
CA ASN A 42 -13.01 0.36 19.93
C ASN A 42 -14.33 0.48 20.68
N GLY A 43 -14.98 -0.64 21.01
CA GLY A 43 -16.20 -0.61 21.80
C GLY A 43 -17.45 -0.24 21.03
N LYS A 44 -17.39 -0.17 19.70
CA LYS A 44 -18.55 0.16 18.89
C LYS A 44 -18.62 -0.80 17.71
N LEU A 45 -19.84 -1.04 17.23
CA LEU A 45 -20.07 -1.88 16.06
C LEU A 45 -20.00 -1.02 14.80
N CYS A 46 -19.01 -1.28 13.96
CA CYS A 46 -18.74 -0.47 12.79
C CYS A 46 -19.27 -1.14 11.54
N LYS A 47 -19.05 -0.48 10.40
CA LYS A 47 -19.46 -0.99 9.10
C LYS A 47 -18.37 -1.91 8.55
N LEU A 48 -18.76 -3.13 8.16
CA LEU A 48 -17.82 -4.09 7.63
C LEU A 48 -17.71 -3.92 6.12
N ARG A 49 -16.47 -3.81 5.64
CA ARG A 49 -16.18 -3.63 4.21
C ARG A 49 -16.89 -2.42 3.62
N GLY A 50 -17.07 -1.38 4.44
CA GLY A 50 -17.71 -0.16 4.02
C GLY A 50 -19.22 -0.13 4.21
N VAL A 51 -19.88 -1.27 4.03
CA VAL A 51 -21.33 -1.33 4.13
C VAL A 51 -21.74 -1.42 5.60
N ALA A 52 -22.67 -0.57 6.00
CA ALA A 52 -23.15 -0.57 7.38
C ALA A 52 -23.98 -1.82 7.65
N PRO A 53 -23.99 -2.29 8.90
CA PRO A 53 -24.81 -3.47 9.23
C PRO A 53 -26.30 -3.17 9.28
N LEU A 54 -27.11 -4.16 9.61
CA LEU A 54 -28.55 -4.00 9.75
C LEU A 54 -28.90 -4.14 11.23
N HIS A 55 -29.49 -3.08 11.79
CA HIS A 55 -29.91 -3.07 13.18
C HIS A 55 -31.40 -3.37 13.29
N LEU A 56 -31.76 -4.05 14.37
CA LEU A 56 -33.14 -4.48 14.59
C LEU A 56 -33.71 -4.11 15.96
N GLY A 57 -32.88 -3.90 16.98
CA GLY A 57 -33.40 -3.51 18.27
C GLY A 57 -34.06 -4.67 18.99
N LYS A 58 -35.02 -4.31 19.86
CA LYS A 58 -35.71 -5.29 20.70
C LYS A 58 -36.53 -6.28 19.88
N CYS A 59 -36.75 -6.00 18.61
CA CYS A 59 -37.43 -6.92 17.71
C CYS A 59 -36.40 -7.71 16.93
N ASN A 60 -36.58 -9.04 16.89
CA ASN A 60 -35.58 -9.94 16.33
C ASN A 60 -35.77 -10.09 14.82
N ILE A 61 -35.01 -11.02 14.23
CA ILE A 61 -35.09 -11.23 12.78
C ILE A 61 -36.45 -11.80 12.40
N ALA A 62 -36.97 -12.73 13.20
CA ALA A 62 -38.24 -13.39 12.85
C ALA A 62 -39.37 -12.38 12.72
N GLY A 63 -39.49 -11.46 13.68
CA GLY A 63 -40.48 -10.42 13.57
C GLY A 63 -40.20 -9.46 12.43
N TRP A 64 -38.92 -9.17 12.17
CA TRP A 64 -38.55 -8.22 11.14
C TRP A 64 -38.94 -8.71 9.75
N ILE A 65 -38.67 -9.98 9.45
CA ILE A 65 -38.99 -10.50 8.13
C ILE A 65 -40.46 -10.89 8.02
N LEU A 66 -41.14 -11.15 9.14
CA LEU A 66 -42.55 -11.51 9.07
C LEU A 66 -43.45 -10.28 9.05
N GLY A 67 -43.04 -9.20 9.73
CA GLY A 67 -43.84 -8.00 9.76
C GLY A 67 -44.54 -7.78 11.10
N ASN A 68 -43.84 -8.09 12.19
CA ASN A 68 -44.40 -7.85 13.51
C ASN A 68 -44.76 -6.38 13.67
N PRO A 69 -45.92 -6.06 14.26
CA PRO A 69 -46.32 -4.66 14.35
C PRO A 69 -45.35 -3.79 15.14
N GLU A 70 -44.65 -4.36 16.12
CA GLU A 70 -43.55 -3.63 16.75
C GLU A 70 -42.39 -3.43 15.79
N CYS A 71 -42.17 -4.38 14.87
CA CYS A 71 -41.17 -4.25 13.81
C CYS A 71 -41.73 -3.45 12.64
N GLU A 72 -42.08 -2.19 12.93
CA GLU A 72 -42.69 -1.31 11.95
C GLU A 72 -41.76 -0.18 11.52
N SER A 73 -41.23 0.58 12.48
CA SER A 73 -40.32 1.69 12.21
C SER A 73 -38.91 1.27 12.62
N LEU A 74 -38.07 1.00 11.64
CA LEU A 74 -36.70 0.56 11.88
C LEU A 74 -35.91 0.75 10.59
N SER A 75 -34.68 0.24 10.57
CA SER A 75 -33.78 0.38 9.43
C SER A 75 -34.33 -0.33 8.20
N THR A 76 -34.72 0.43 7.18
CA THR A 76 -35.20 -0.11 5.91
C THR A 76 -34.14 0.24 4.86
N ALA A 77 -33.15 -0.63 4.73
CA ALA A 77 -32.03 -0.41 3.81
C ALA A 77 -32.00 -1.51 2.76
N SER A 78 -31.23 -1.26 1.70
CA SER A 78 -31.06 -2.23 0.62
C SER A 78 -29.82 -3.08 0.76
N SER A 79 -28.82 -2.63 1.51
CA SER A 79 -27.58 -3.37 1.71
C SER A 79 -27.21 -3.37 3.19
N TRP A 80 -26.62 -4.48 3.63
CA TRP A 80 -26.11 -4.58 4.98
C TRP A 80 -25.02 -5.64 5.03
N SER A 81 -23.96 -5.36 5.79
CA SER A 81 -22.86 -6.32 5.92
C SER A 81 -23.25 -7.48 6.83
N TYR A 82 -23.93 -7.19 7.94
CA TYR A 82 -24.32 -8.21 8.90
C TYR A 82 -25.51 -7.70 9.69
N ILE A 83 -26.14 -8.62 10.42
CA ILE A 83 -27.32 -8.30 11.24
C ILE A 83 -26.89 -8.21 12.69
N VAL A 84 -27.34 -7.16 13.38
CA VAL A 84 -27.10 -6.96 14.80
C VAL A 84 -28.41 -7.19 15.54
N GLU A 85 -28.40 -8.11 16.49
CA GLU A 85 -29.53 -8.39 17.36
C GLU A 85 -29.15 -8.09 18.79
N THR A 86 -29.99 -7.33 19.49
CA THR A 86 -29.71 -7.13 20.90
C THR A 86 -30.07 -8.38 21.69
N PRO A 87 -29.35 -8.66 22.78
CA PRO A 87 -29.73 -9.79 23.63
C PRO A 87 -31.13 -9.66 24.20
N SER A 88 -31.60 -8.45 24.45
CA SER A 88 -32.94 -8.21 24.98
C SER A 88 -34.04 -8.35 23.93
N SER A 89 -33.72 -8.87 22.75
CA SER A 89 -34.71 -9.01 21.68
C SER A 89 -35.82 -9.96 22.08
N ASP A 90 -37.02 -9.43 22.30
CA ASP A 90 -38.18 -10.22 22.69
C ASP A 90 -39.32 -10.18 21.68
N ASN A 91 -39.62 -8.99 21.14
CA ASN A 91 -40.67 -8.89 20.12
C ASN A 91 -40.27 -9.70 18.88
N GLY A 92 -41.27 -10.33 18.28
CA GLY A 92 -41.01 -11.31 17.23
C GLY A 92 -42.24 -12.10 16.86
N THR A 93 -42.14 -13.42 16.87
CA THR A 93 -43.25 -14.30 16.52
C THR A 93 -44.28 -14.23 17.64
N CYS A 94 -45.11 -13.18 17.57
CA CYS A 94 -46.12 -12.97 18.61
C CYS A 94 -47.15 -14.10 18.64
N TYR A 95 -47.63 -14.51 17.48
CA TYR A 95 -48.50 -15.68 17.42
C TYR A 95 -47.67 -16.94 17.66
N PRO A 96 -48.06 -17.80 18.60
CA PRO A 96 -47.23 -18.97 18.92
C PRO A 96 -47.05 -19.88 17.70
N GLY A 97 -45.86 -20.44 17.59
CA GLY A 97 -45.53 -21.31 16.48
C GLY A 97 -44.04 -21.54 16.40
N ASP A 98 -43.66 -22.33 15.40
CA ASP A 98 -42.26 -22.67 15.16
C ASP A 98 -41.85 -22.17 13.79
N PHE A 99 -40.72 -21.47 13.72
CA PHE A 99 -40.19 -20.98 12.46
C PHE A 99 -39.34 -22.10 11.85
N ILE A 100 -39.84 -22.71 10.77
CA ILE A 100 -39.16 -23.83 10.16
C ILE A 100 -37.91 -23.34 9.43
N ASP A 101 -36.79 -24.01 9.69
CA ASP A 101 -35.50 -23.63 9.11
C ASP A 101 -35.16 -22.18 9.42
N TYR A 102 -35.45 -21.76 10.66
CA TYR A 102 -35.13 -20.41 11.08
C TYR A 102 -33.62 -20.16 11.02
N GLU A 103 -32.83 -21.13 11.46
CA GLU A 103 -31.38 -20.97 11.48
C GLU A 103 -30.83 -20.80 10.07
N GLU A 104 -31.37 -21.54 9.11
CA GLU A 104 -30.94 -21.38 7.72
C GLU A 104 -31.27 -19.98 7.19
N LEU A 105 -32.47 -19.49 7.48
CA LEU A 105 -32.87 -18.19 6.97
C LEU A 105 -32.03 -17.07 7.55
N ARG A 106 -31.55 -17.23 8.78
CA ARG A 106 -30.76 -16.17 9.42
C ARG A 106 -29.45 -15.93 8.67
N GLU A 107 -28.78 -16.99 8.23
CA GLU A 107 -27.55 -16.80 7.45
C GLU A 107 -27.87 -16.34 6.03
N GLN A 108 -28.99 -16.79 5.47
CA GLN A 108 -29.38 -16.31 4.14
C GLN A 108 -29.60 -14.81 4.16
N LEU A 109 -30.26 -14.30 5.21
CA LEU A 109 -30.39 -12.86 5.42
C LEU A 109 -29.33 -12.39 6.40
N SER A 110 -28.09 -12.45 5.94
CA SER A 110 -26.97 -11.96 6.75
C SER A 110 -26.12 -10.94 6.01
N SER A 111 -25.91 -11.11 4.71
CA SER A 111 -25.21 -10.13 3.88
C SER A 111 -25.91 -10.08 2.54
N VAL A 112 -26.47 -8.92 2.21
CA VAL A 112 -27.24 -8.75 0.98
C VAL A 112 -26.75 -7.50 0.26
N SER A 113 -26.95 -7.49 -1.06
CA SER A 113 -26.59 -6.35 -1.89
C SER A 113 -27.80 -5.57 -2.39
N SER A 114 -28.98 -6.18 -2.40
CA SER A 114 -30.21 -5.50 -2.78
C SER A 114 -31.35 -6.08 -1.96
N PHE A 115 -32.26 -5.21 -1.53
CA PHE A 115 -33.40 -5.61 -0.71
C PHE A 115 -34.60 -4.77 -1.14
N GLU A 116 -35.51 -5.39 -1.89
CA GLU A 116 -36.72 -4.74 -2.38
C GLU A 116 -37.94 -5.34 -1.68
N ARG A 117 -39.06 -4.64 -1.80
CA ARG A 117 -40.33 -5.11 -1.24
C ARG A 117 -41.46 -4.71 -2.18
N PHE A 118 -42.19 -5.71 -2.67
CA PHE A 118 -43.33 -5.48 -3.54
C PHE A 118 -44.49 -6.34 -3.08
N GLU A 119 -45.71 -5.89 -3.38
CA GLU A 119 -46.90 -6.63 -2.99
C GLU A 119 -47.04 -7.89 -3.85
N ILE A 120 -46.54 -9.01 -3.34
CA ILE A 120 -46.63 -10.28 -4.07
C ILE A 120 -48.09 -10.65 -4.29
N PHE A 121 -48.90 -10.62 -3.23
CA PHE A 121 -50.34 -10.87 -3.30
C PHE A 121 -51.04 -9.65 -2.72
N PRO A 122 -51.41 -8.68 -3.56
CA PRO A 122 -52.03 -7.46 -3.05
C PRO A 122 -53.30 -7.75 -2.27
N LYS A 123 -53.53 -6.97 -1.22
CA LYS A 123 -54.73 -7.15 -0.40
C LYS A 123 -55.97 -6.59 -1.09
N THR A 124 -55.82 -5.47 -1.80
CA THR A 124 -56.96 -4.85 -2.47
C THR A 124 -57.52 -5.74 -3.59
N SER A 125 -56.67 -6.54 -4.23
CA SER A 125 -57.11 -7.39 -5.32
C SER A 125 -56.65 -8.83 -5.10
N SER A 126 -56.79 -9.67 -6.13
CA SER A 126 -56.24 -11.02 -6.15
C SER A 126 -56.82 -11.93 -5.07
N TRP A 127 -57.81 -11.43 -4.32
CA TRP A 127 -58.48 -12.21 -3.27
C TRP A 127 -59.99 -12.03 -3.43
N PRO A 128 -60.57 -12.58 -4.49
CA PRO A 128 -62.02 -12.40 -4.71
C PRO A 128 -62.89 -13.46 -4.04
N ASN A 129 -62.35 -14.66 -3.83
CA ASN A 129 -63.17 -15.79 -3.42
C ASN A 129 -63.30 -15.90 -1.90
N HIS A 130 -62.18 -15.97 -1.17
CA HIS A 130 -62.26 -15.85 0.27
C HIS A 130 -62.45 -14.39 0.70
N ASP A 131 -61.82 -13.46 -0.02
CA ASP A 131 -61.94 -12.03 0.22
C ASP A 131 -61.58 -11.74 1.68
N SER A 132 -62.25 -10.74 2.27
CA SER A 132 -62.12 -10.36 3.67
C SER A 132 -60.73 -9.80 4.00
N ASN A 133 -60.67 -8.99 5.05
CA ASN A 133 -59.40 -8.46 5.54
C ASN A 133 -59.33 -8.46 7.06
N LYS A 134 -60.32 -9.02 7.75
CA LYS A 134 -60.37 -9.02 9.21
C LYS A 134 -59.55 -10.20 9.74
N GLY A 135 -58.24 -10.10 9.56
CA GLY A 135 -57.32 -11.11 10.04
C GLY A 135 -56.51 -10.65 11.23
N VAL A 136 -57.13 -9.82 12.08
CA VAL A 136 -56.45 -9.28 13.25
C VAL A 136 -56.56 -10.26 14.40
N THR A 137 -55.67 -10.12 15.37
CA THR A 137 -55.65 -10.98 16.54
C THR A 137 -55.04 -10.23 17.71
N ALA A 138 -55.28 -10.76 18.92
CA ALA A 138 -54.74 -10.18 20.14
C ALA A 138 -53.31 -10.62 20.43
N ALA A 139 -52.75 -11.50 19.61
CA ALA A 139 -51.38 -11.94 19.84
C ALA A 139 -50.37 -10.84 19.55
N CYS A 140 -50.69 -9.92 18.64
CA CYS A 140 -49.77 -8.86 18.24
C CYS A 140 -50.49 -7.51 18.33
N PRO A 141 -50.82 -7.05 19.56
CA PRO A 141 -51.65 -5.85 19.70
C PRO A 141 -50.84 -4.58 19.91
N HIS A 142 -50.14 -4.15 18.85
CA HIS A 142 -49.41 -2.90 18.92
C HIS A 142 -50.35 -1.73 18.70
N ALA A 143 -50.02 -0.60 19.33
CA ALA A 143 -50.81 0.63 19.26
C ALA A 143 -52.22 0.43 19.81
N GLY A 144 -52.36 -0.50 20.75
CA GLY A 144 -53.65 -0.70 21.41
C GLY A 144 -54.75 -1.17 20.49
N ALA A 145 -54.44 -2.06 19.55
CA ALA A 145 -55.45 -2.58 18.63
C ALA A 145 -54.98 -3.93 18.10
N LYS A 146 -55.95 -4.81 17.85
CA LYS A 146 -55.65 -6.09 17.26
C LYS A 146 -55.02 -5.90 15.88
N SER A 147 -53.95 -6.63 15.61
CA SER A 147 -53.21 -6.48 14.35
C SER A 147 -52.61 -7.83 13.97
N PHE A 148 -51.81 -7.82 12.92
CA PHE A 148 -51.20 -9.03 12.39
C PHE A 148 -49.94 -8.64 11.63
N TYR A 149 -49.18 -9.64 11.19
CA TYR A 149 -47.97 -9.39 10.43
C TYR A 149 -48.28 -8.62 9.16
N LYS A 150 -47.48 -7.60 8.88
CA LYS A 150 -47.72 -6.76 7.70
C LYS A 150 -47.53 -7.55 6.41
N ASN A 151 -46.49 -8.38 6.34
CA ASN A 151 -46.19 -9.16 5.15
C ASN A 151 -46.95 -10.48 5.11
N LEU A 152 -47.97 -10.64 5.94
CA LEU A 152 -48.76 -11.87 5.97
C LEU A 152 -50.23 -11.50 6.06
N ILE A 153 -51.09 -12.40 5.58
CA ILE A 153 -52.53 -12.18 5.55
C ILE A 153 -53.21 -13.39 6.18
N TRP A 154 -53.97 -13.16 7.25
CA TRP A 154 -54.75 -14.22 7.88
C TRP A 154 -56.02 -14.46 7.07
N LEU A 155 -56.25 -15.70 6.67
CA LEU A 155 -57.37 -16.03 5.79
C LEU A 155 -58.65 -16.10 6.61
N VAL A 156 -59.64 -15.30 6.23
CA VAL A 156 -60.97 -15.31 6.83
C VAL A 156 -61.99 -15.42 5.71
N LYS A 157 -62.94 -16.33 5.86
CA LYS A 157 -63.93 -16.56 4.81
C LYS A 157 -64.85 -15.36 4.64
N LYS A 158 -65.37 -15.21 3.42
CA LYS A 158 -66.37 -14.18 3.12
C LYS A 158 -67.75 -14.79 3.39
N GLY A 159 -68.35 -14.40 4.51
CA GLY A 159 -69.62 -14.97 4.91
C GLY A 159 -69.47 -16.40 5.38
N ASN A 160 -69.94 -17.35 4.57
CA ASN A 160 -69.82 -18.77 4.88
C ASN A 160 -69.30 -19.55 3.67
N SER A 161 -68.46 -18.91 2.85
CA SER A 161 -67.91 -19.53 1.64
C SER A 161 -66.39 -19.52 1.73
N TYR A 162 -65.77 -20.65 1.40
CA TYR A 162 -64.31 -20.77 1.39
C TYR A 162 -63.93 -21.88 0.41
N PRO A 163 -63.89 -21.56 -0.88
CA PRO A 163 -63.51 -22.55 -1.89
C PRO A 163 -61.99 -22.73 -1.94
N LYS A 164 -61.55 -23.56 -2.87
CA LYS A 164 -60.12 -23.79 -3.06
C LYS A 164 -59.46 -22.53 -3.58
N LEU A 165 -58.18 -22.37 -3.25
CA LEU A 165 -57.39 -21.21 -3.65
C LEU A 165 -56.26 -21.64 -4.58
N SER A 166 -56.04 -20.85 -5.62
CA SER A 166 -54.96 -21.08 -6.57
C SER A 166 -54.35 -19.73 -6.92
N LYS A 167 -53.17 -19.46 -6.38
CA LYS A 167 -52.48 -18.19 -6.58
C LYS A 167 -51.08 -18.42 -7.11
N SER A 168 -50.98 -19.27 -8.13
CA SER A 168 -49.70 -19.50 -8.79
C SER A 168 -49.19 -18.21 -9.43
N TYR A 169 -48.15 -17.64 -8.85
CA TYR A 169 -47.60 -16.37 -9.29
C TYR A 169 -46.12 -16.54 -9.59
N ILE A 170 -45.61 -15.67 -10.47
CA ILE A 170 -44.18 -15.69 -10.77
C ILE A 170 -43.41 -14.75 -9.86
N ASN A 171 -43.95 -13.56 -9.60
CA ASN A 171 -43.33 -12.54 -8.76
C ASN A 171 -41.83 -12.44 -9.03
N ASP A 172 -41.44 -12.53 -10.30
CA ASP A 172 -40.06 -12.70 -10.69
C ASP A 172 -39.56 -11.44 -11.36
N LYS A 173 -38.52 -10.85 -10.80
CA LYS A 173 -37.96 -9.58 -11.24
C LYS A 173 -36.48 -9.72 -11.58
N GLY A 174 -36.10 -10.87 -12.14
CA GLY A 174 -34.71 -11.13 -12.42
C GLY A 174 -33.86 -11.30 -11.18
N LYS A 175 -34.46 -11.67 -10.05
CA LYS A 175 -33.75 -11.79 -8.80
C LYS A 175 -34.46 -12.84 -7.95
N GLU A 176 -33.73 -13.38 -6.97
CA GLU A 176 -34.33 -14.29 -6.01
C GLU A 176 -35.32 -13.53 -5.15
N VAL A 177 -36.51 -14.10 -4.97
CA VAL A 177 -37.58 -13.47 -4.22
C VAL A 177 -37.92 -14.35 -3.03
N LEU A 178 -37.89 -13.78 -1.84
CA LEU A 178 -38.18 -14.51 -0.61
C LEU A 178 -39.67 -14.38 -0.30
N VAL A 179 -40.35 -15.52 -0.22
CA VAL A 179 -41.77 -15.58 0.10
C VAL A 179 -41.93 -16.30 1.44
N LEU A 180 -42.83 -15.80 2.28
CA LEU A 180 -43.06 -16.34 3.60
C LEU A 180 -44.55 -16.55 3.81
N TRP A 181 -44.89 -17.62 4.52
CA TRP A 181 -46.30 -17.96 4.76
C TRP A 181 -46.40 -18.76 6.05
N GLY A 182 -47.61 -18.82 6.58
CA GLY A 182 -47.86 -19.56 7.80
C GLY A 182 -49.03 -20.51 7.64
N ILE A 183 -48.95 -21.63 8.35
CA ILE A 183 -50.01 -22.63 8.40
C ILE A 183 -50.73 -22.48 9.73
N HIS A 184 -51.92 -21.90 9.71
CA HIS A 184 -52.66 -21.61 10.94
C HIS A 184 -53.29 -22.89 11.47
N HIS A 185 -52.91 -23.26 12.69
CA HIS A 185 -53.54 -24.39 13.37
C HIS A 185 -54.52 -23.84 14.40
N PRO A 186 -55.81 -24.11 14.28
CA PRO A 186 -56.80 -23.47 15.16
C PRO A 186 -56.87 -24.18 16.52
N SER A 187 -57.78 -23.71 17.37
CA SER A 187 -57.95 -24.22 18.72
C SER A 187 -59.11 -25.21 18.81
N THR A 188 -60.31 -24.79 18.41
CA THR A 188 -61.49 -25.62 18.47
C THR A 188 -62.08 -25.79 17.08
N SER A 189 -62.85 -26.87 16.91
CA SER A 189 -63.54 -27.09 15.64
C SER A 189 -64.56 -25.99 15.34
N ALA A 190 -65.11 -25.37 16.39
CA ALA A 190 -66.01 -24.25 16.18
C ALA A 190 -65.32 -23.08 15.50
N ASP A 191 -64.08 -22.77 15.92
CA ASP A 191 -63.31 -21.72 15.26
C ASP A 191 -62.89 -22.13 13.86
N GLN A 192 -62.68 -23.43 13.62
CA GLN A 192 -62.34 -23.89 12.29
C GLN A 192 -63.47 -23.60 11.30
N GLN A 193 -64.71 -23.84 11.72
CA GLN A 193 -65.86 -23.48 10.89
C GLN A 193 -66.28 -22.03 11.06
N SER A 194 -65.66 -21.30 12.00
CA SER A 194 -65.87 -19.86 12.13
C SER A 194 -64.78 -19.05 11.43
N LEU A 195 -63.82 -19.71 10.81
CA LEU A 195 -62.74 -19.02 10.10
C LEU A 195 -62.54 -19.59 8.70
N TYR A 196 -62.90 -20.86 8.50
CA TYR A 196 -62.64 -21.54 7.24
C TYR A 196 -63.82 -22.34 6.69
N GLN A 197 -64.87 -22.58 7.47
CA GLN A 197 -66.10 -23.23 7.05
C GLN A 197 -65.92 -24.68 6.62
N ASN A 198 -64.72 -25.24 6.81
CA ASN A 198 -64.47 -26.64 6.50
C ASN A 198 -63.34 -27.16 7.36
N ALA A 199 -63.39 -28.46 7.68
CA ALA A 199 -62.46 -29.07 8.62
C ALA A 199 -61.27 -29.73 7.94
N ASP A 200 -61.52 -30.71 7.07
CA ASP A 200 -60.45 -31.50 6.46
C ASP A 200 -59.90 -30.73 5.26
N THR A 201 -58.98 -29.82 5.54
CA THR A 201 -58.33 -29.03 4.52
C THR A 201 -56.93 -29.58 4.24
N TYR A 202 -56.26 -28.99 3.25
CA TYR A 202 -54.87 -29.29 2.97
C TYR A 202 -54.24 -28.05 2.35
N VAL A 203 -52.95 -27.87 2.62
CA VAL A 203 -52.19 -26.73 2.10
C VAL A 203 -51.02 -27.27 1.29
N PHE A 204 -50.81 -26.69 0.12
CA PHE A 204 -49.72 -27.10 -0.77
C PHE A 204 -49.10 -25.87 -1.40
N VAL A 205 -47.80 -25.67 -1.17
CA VAL A 205 -47.05 -24.60 -1.78
C VAL A 205 -46.21 -25.20 -2.90
N GLY A 206 -46.62 -24.95 -4.14
CA GLY A 206 -45.98 -25.57 -5.28
C GLY A 206 -44.91 -24.72 -5.93
N SER A 207 -43.65 -25.02 -5.64
CA SER A 207 -42.51 -24.35 -6.25
C SER A 207 -41.57 -25.39 -6.83
N SER A 208 -40.77 -24.96 -7.81
CA SER A 208 -39.82 -25.88 -8.45
C SER A 208 -38.77 -26.39 -7.47
N ARG A 209 -38.53 -25.68 -6.37
CA ARG A 209 -37.54 -26.08 -5.39
C ARG A 209 -38.14 -26.46 -4.04
N TYR A 210 -39.46 -26.38 -3.89
CA TYR A 210 -40.10 -26.68 -2.62
C TYR A 210 -41.50 -27.21 -2.85
N SER A 211 -41.79 -28.40 -2.33
CA SER A 211 -43.12 -28.98 -2.39
C SER A 211 -43.47 -29.55 -1.03
N LYS A 212 -44.67 -29.23 -0.54
CA LYS A 212 -45.09 -29.66 0.78
C LYS A 212 -46.61 -29.79 0.82
N LYS A 213 -47.09 -30.96 1.22
CA LYS A 213 -48.52 -31.21 1.41
C LYS A 213 -48.82 -31.10 2.89
N PHE A 214 -49.27 -29.91 3.31
CA PHE A 214 -49.51 -29.65 4.71
C PHE A 214 -50.81 -30.34 5.18
N LYS A 215 -50.92 -30.48 6.51
CA LYS A 215 -52.11 -31.03 7.14
C LYS A 215 -52.46 -30.21 8.37
N PRO A 216 -53.64 -29.60 8.41
CA PRO A 216 -54.02 -28.81 9.59
C PRO A 216 -54.22 -29.67 10.82
N GLU A 217 -54.00 -29.06 11.98
CA GLU A 217 -54.15 -29.74 13.26
C GLU A 217 -54.96 -28.86 14.20
N ILE A 218 -55.98 -29.45 14.83
CA ILE A 218 -56.82 -28.77 15.82
C ILE A 218 -56.43 -29.29 17.18
N ALA A 219 -56.03 -28.39 18.08
CA ALA A 219 -55.55 -28.79 19.39
C ALA A 219 -55.84 -27.69 20.41
N ILE A 220 -55.82 -28.07 21.67
CA ILE A 220 -56.06 -27.15 22.79
C ILE A 220 -54.80 -27.10 23.65
N ARG A 221 -53.64 -27.25 22.99
CA ARG A 221 -52.36 -27.27 23.67
C ARG A 221 -52.16 -26.01 24.50
N PRO A 222 -51.27 -26.06 25.52
CA PRO A 222 -51.05 -24.89 26.39
C PRO A 222 -50.89 -23.59 25.64
N LYS A 223 -51.82 -22.66 25.86
CA LYS A 223 -51.87 -21.43 25.09
C LYS A 223 -50.87 -20.41 25.60
N VAL A 224 -50.21 -19.73 24.66
CA VAL A 224 -49.28 -18.65 24.97
C VAL A 224 -49.78 -17.40 24.26
N ARG A 225 -49.67 -16.25 24.94
CA ARG A 225 -50.21 -14.98 24.46
C ARG A 225 -51.73 -15.05 24.27
N ASP A 226 -52.38 -15.87 25.09
CA ASP A 226 -53.85 -16.00 25.11
C ASP A 226 -54.40 -16.44 23.76
N GLN A 227 -53.67 -17.32 23.08
CA GLN A 227 -54.14 -17.92 21.84
C GLN A 227 -53.77 -19.41 21.86
N GLU A 228 -54.77 -20.28 21.94
CA GLU A 228 -54.51 -21.71 21.87
C GLU A 228 -54.10 -22.13 20.47
N GLY A 229 -54.56 -21.41 19.44
CA GLY A 229 -54.16 -21.71 18.09
C GLY A 229 -52.71 -21.34 17.84
N ARG A 230 -52.11 -22.01 16.87
CA ARG A 230 -50.71 -21.81 16.50
C ARG A 230 -50.60 -21.39 15.05
N MET A 231 -49.37 -21.06 14.65
CA MET A 231 -49.08 -20.64 13.28
C MET A 231 -47.62 -20.97 12.99
N ASN A 232 -47.40 -22.06 12.26
CA ASN A 232 -46.05 -22.45 11.88
C ASN A 232 -45.64 -21.71 10.61
N TYR A 233 -44.51 -21.00 10.68
CA TYR A 233 -44.07 -20.14 9.60
C TYR A 233 -43.02 -20.86 8.75
N TYR A 234 -43.24 -20.87 7.44
CA TYR A 234 -42.34 -21.48 6.48
C TYR A 234 -41.85 -20.43 5.49
N TRP A 235 -40.74 -20.73 4.83
CA TRP A 235 -40.15 -19.80 3.89
C TRP A 235 -39.46 -20.56 2.76
N THR A 236 -39.35 -19.92 1.62
CA THR A 236 -38.59 -20.45 0.49
C THR A 236 -38.22 -19.31 -0.43
N LEU A 237 -37.21 -19.55 -1.26
CA LEU A 237 -36.72 -18.57 -2.22
C LEU A 237 -37.11 -19.05 -3.62
N VAL A 238 -38.07 -18.37 -4.24
CA VAL A 238 -38.47 -18.71 -5.59
C VAL A 238 -37.42 -18.18 -6.57
N GLU A 239 -36.91 -19.07 -7.41
CA GLU A 239 -35.83 -18.71 -8.31
C GLU A 239 -36.34 -17.79 -9.41
N PRO A 240 -35.47 -16.94 -9.97
CA PRO A 240 -35.88 -16.07 -11.07
C PRO A 240 -36.38 -16.88 -12.25
N GLY A 241 -37.66 -16.73 -12.56
CA GLY A 241 -38.28 -17.48 -13.64
C GLY A 241 -38.92 -18.75 -13.16
N ASP A 242 -39.73 -18.65 -12.11
CA ASP A 242 -40.37 -19.83 -11.52
C ASP A 242 -41.69 -19.41 -10.90
N LYS A 243 -42.58 -20.39 -10.76
CA LYS A 243 -43.90 -20.18 -10.17
C LYS A 243 -43.93 -20.69 -8.74
N ILE A 244 -44.82 -20.10 -7.94
CA ILE A 244 -45.09 -20.55 -6.59
C ILE A 244 -46.59 -20.87 -6.53
N THR A 245 -46.93 -22.13 -6.76
CA THR A 245 -48.33 -22.56 -6.77
C THR A 245 -48.83 -22.64 -5.33
N PHE A 246 -49.63 -21.66 -4.93
CA PHE A 246 -50.25 -21.65 -3.61
C PHE A 246 -51.62 -22.30 -3.73
N GLU A 247 -51.72 -23.56 -3.30
CA GLU A 247 -52.97 -24.31 -3.34
C GLU A 247 -53.34 -24.75 -1.94
N ALA A 248 -54.56 -24.44 -1.52
CA ALA A 248 -55.01 -24.81 -0.19
C ALA A 248 -56.53 -24.82 -0.15
N THR A 249 -57.06 -25.57 0.82
CA THR A 249 -58.49 -25.59 1.09
C THR A 249 -58.84 -24.82 2.37
N GLY A 250 -57.86 -24.54 3.22
CA GLY A 250 -58.10 -23.78 4.43
C GLY A 250 -56.88 -23.83 5.32
N ASN A 251 -56.97 -23.06 6.41
CA ASN A 251 -55.92 -23.01 7.43
C ASN A 251 -54.57 -22.60 6.84
N LEU A 252 -54.58 -21.49 6.10
CA LEU A 252 -53.37 -20.97 5.47
C LEU A 252 -53.28 -19.47 5.69
N VAL A 253 -52.05 -18.98 5.85
CA VAL A 253 -51.76 -17.56 5.93
C VAL A 253 -50.90 -17.22 4.72
N VAL A 254 -51.44 -16.42 3.81
CA VAL A 254 -50.78 -16.13 2.55
C VAL A 254 -49.84 -14.94 2.70
N PRO A 255 -48.78 -14.86 1.90
CA PRO A 255 -47.91 -13.66 1.94
C PRO A 255 -48.63 -12.45 1.36
N ARG A 256 -48.20 -11.28 1.82
CA ARG A 256 -48.63 -10.00 1.26
C ARG A 256 -47.48 -9.20 0.65
N TYR A 257 -46.34 -9.15 1.33
CA TYR A 257 -45.15 -8.47 0.83
C TYR A 257 -44.05 -9.49 0.62
N ALA A 258 -43.41 -9.43 -0.55
CA ALA A 258 -42.27 -10.28 -0.88
C ALA A 258 -40.98 -9.47 -0.78
N PHE A 259 -39.85 -10.14 -1.01
CA PHE A 259 -38.54 -9.51 -0.91
C PHE A 259 -37.64 -10.04 -2.02
N ALA A 260 -37.45 -9.23 -3.07
CA ALA A 260 -36.46 -9.52 -4.08
C ALA A 260 -35.08 -9.14 -3.55
N MET A 261 -34.12 -10.05 -3.67
CA MET A 261 -32.84 -9.86 -2.99
C MET A 261 -31.74 -10.61 -3.74
N GLU A 262 -30.50 -10.27 -3.40
CA GLU A 262 -29.32 -10.96 -3.92
C GLU A 262 -28.33 -11.08 -2.77
N ARG A 263 -28.14 -12.30 -2.27
CA ARG A 263 -27.26 -12.53 -1.12
C ARG A 263 -25.81 -12.27 -1.51
N ASN A 264 -24.98 -12.00 -0.49
CA ASN A 264 -23.60 -11.62 -0.70
C ASN A 264 -22.63 -12.69 -0.19
N ALA A 265 -22.71 -13.05 1.08
CA ALA A 265 -21.78 -14.01 1.67
C ALA A 265 -22.42 -14.58 2.93
N GLY A 266 -21.62 -15.28 3.73
CA GLY A 266 -22.10 -15.85 4.98
C GLY A 266 -22.27 -14.82 6.07
N SER A 267 -21.20 -14.06 6.35
CA SER A 267 -21.20 -13.04 7.39
C SER A 267 -21.68 -13.60 8.72
N GLY A 268 -22.93 -13.31 9.09
CA GLY A 268 -23.48 -13.83 10.32
C GLY A 268 -24.30 -12.82 11.09
N ILE A 269 -24.78 -13.23 12.27
CA ILE A 269 -25.62 -12.40 13.12
C ILE A 269 -24.89 -12.17 14.43
N ILE A 270 -24.68 -10.90 14.77
CA ILE A 270 -24.00 -10.52 16.01
C ILE A 270 -25.08 -10.25 17.05
N ILE A 271 -25.19 -11.13 18.04
CA ILE A 271 -26.14 -10.97 19.13
C ILE A 271 -25.43 -10.15 20.21
N SER A 272 -25.52 -8.83 20.08
CA SER A 272 -24.84 -7.94 21.01
C SER A 272 -25.65 -6.65 21.16
N ASP A 273 -25.50 -6.02 22.32
CA ASP A 273 -26.13 -4.74 22.62
C ASP A 273 -25.15 -3.58 22.46
N THR A 274 -23.99 -3.82 21.87
CA THR A 274 -23.02 -2.76 21.66
C THR A 274 -23.58 -1.71 20.71
N PRO A 275 -23.41 -0.42 21.01
CA PRO A 275 -23.93 0.62 20.12
C PRO A 275 -23.30 0.55 18.74
N VAL A 276 -24.09 0.90 17.73
CA VAL A 276 -23.70 0.85 16.33
C VAL A 276 -23.38 2.28 15.90
N HIS A 277 -22.10 2.65 15.96
CA HIS A 277 -21.64 3.95 15.51
C HIS A 277 -21.24 3.89 14.04
N ASP A 278 -21.07 5.06 13.44
CA ASP A 278 -20.70 5.16 12.02
C ASP A 278 -19.18 5.12 11.83
N CYS A 279 -18.55 4.08 12.38
CA CYS A 279 -17.13 3.85 12.19
C CYS A 279 -16.90 2.82 11.10
N ASN A 280 -15.63 2.63 10.74
CA ASN A 280 -15.25 1.68 9.70
C ASN A 280 -14.28 0.66 10.27
N THR A 281 -14.42 -0.58 9.84
CA THR A 281 -13.58 -1.66 10.36
C THR A 281 -13.49 -2.78 9.32
N THR A 282 -12.50 -3.64 9.51
CA THR A 282 -12.35 -4.86 8.73
C THR A 282 -12.60 -6.12 9.56
N CYS A 283 -12.68 -6.00 10.88
CA CYS A 283 -12.94 -7.12 11.77
C CYS A 283 -13.91 -6.66 12.85
N GLN A 284 -15.05 -7.34 12.96
CA GLN A 284 -16.10 -6.96 13.90
C GLN A 284 -16.34 -8.09 14.89
N THR A 285 -16.43 -7.73 16.17
CA THR A 285 -16.71 -8.65 17.26
C THR A 285 -17.91 -8.13 18.04
N PRO A 286 -18.64 -9.01 18.75
CA PRO A 286 -19.75 -8.53 19.57
C PRO A 286 -19.33 -7.49 20.60
N LYS A 287 -18.14 -7.64 21.18
CA LYS A 287 -17.66 -6.66 22.15
C LYS A 287 -17.30 -5.34 21.45
N GLY A 288 -16.75 -5.41 20.26
CA GLY A 288 -16.42 -4.21 19.51
C GLY A 288 -15.47 -4.53 18.38
N ALA A 289 -15.33 -3.56 17.48
CA ALA A 289 -14.44 -3.71 16.34
C ALA A 289 -12.99 -3.64 16.79
N ILE A 290 -12.13 -4.40 16.09
CA ILE A 290 -10.72 -4.49 16.43
C ILE A 290 -9.89 -4.30 15.18
N ASN A 291 -8.64 -3.88 15.39
CA ASN A 291 -7.68 -3.72 14.30
C ASN A 291 -7.05 -5.06 13.94
N THR A 292 -6.77 -5.23 12.65
CA THR A 292 -6.09 -6.42 12.14
C THR A 292 -4.61 -6.16 11.88
N SER A 293 -3.99 -5.31 12.71
CA SER A 293 -2.57 -5.02 12.56
C SER A 293 -1.67 -6.03 13.25
N LEU A 294 -2.23 -6.93 14.05
CA LEU A 294 -1.47 -7.91 14.80
C LEU A 294 -2.03 -9.30 14.55
N PRO A 295 -1.17 -10.33 14.61
CA PRO A 295 -1.61 -11.69 14.22
C PRO A 295 -2.55 -12.36 15.22
N PHE A 296 -2.71 -11.83 16.43
CA PHE A 296 -3.52 -12.50 17.45
C PHE A 296 -4.48 -11.51 18.10
N GLN A 297 -5.56 -12.07 18.65
CA GLN A 297 -6.58 -11.29 19.34
C GLN A 297 -7.05 -12.05 20.57
N ASN A 298 -7.62 -11.31 21.52
CA ASN A 298 -8.21 -11.93 22.70
C ASN A 298 -9.52 -11.27 23.12
N ILE A 299 -10.08 -10.39 22.28
CA ILE A 299 -11.28 -9.65 22.67
C ILE A 299 -12.50 -10.59 22.70
N HIS A 300 -12.67 -11.41 21.66
CA HIS A 300 -13.85 -12.27 21.59
C HIS A 300 -13.58 -13.40 20.61
N PRO A 301 -14.08 -14.61 20.89
CA PRO A 301 -13.88 -15.72 19.94
C PRO A 301 -14.76 -15.64 18.71
N ILE A 302 -15.84 -14.87 18.74
CA ILE A 302 -16.77 -14.73 17.62
C ILE A 302 -16.41 -13.48 16.84
N THR A 303 -16.19 -13.64 15.53
CA THR A 303 -15.78 -12.55 14.67
C THR A 303 -16.41 -12.71 13.30
N ILE A 304 -16.48 -11.60 12.57
CA ILE A 304 -16.94 -11.57 11.18
C ILE A 304 -15.94 -10.79 10.35
N GLY A 305 -15.50 -11.39 9.24
CA GLY A 305 -14.54 -10.76 8.37
C GLY A 305 -13.14 -11.29 8.56
N LYS A 306 -12.20 -10.66 7.85
CA LYS A 306 -10.79 -11.02 7.97
C LYS A 306 -10.29 -10.65 9.35
N CYS A 307 -10.09 -11.66 10.21
CA CYS A 307 -9.79 -11.43 11.60
C CYS A 307 -8.61 -12.27 12.06
N PRO A 308 -7.86 -11.81 13.05
CA PRO A 308 -6.75 -12.59 13.58
C PRO A 308 -7.25 -13.81 14.34
N LYS A 309 -6.29 -14.64 14.76
CA LYS A 309 -6.60 -15.86 15.48
C LYS A 309 -6.86 -15.55 16.96
N TYR A 310 -7.99 -16.04 17.47
CA TYR A 310 -8.33 -15.83 18.86
C TYR A 310 -7.54 -16.77 19.75
N VAL A 311 -6.94 -16.23 20.82
CA VAL A 311 -6.22 -17.00 21.81
C VAL A 311 -6.53 -16.42 23.18
N LYS A 312 -6.61 -17.31 24.18
CA LYS A 312 -6.90 -16.88 25.56
C LYS A 312 -5.69 -16.27 26.25
N SER A 313 -4.59 -16.05 25.53
CA SER A 313 -3.42 -15.43 26.12
C SER A 313 -3.68 -13.97 26.46
N THR A 314 -3.06 -13.49 27.53
CA THR A 314 -3.16 -12.11 27.94
C THR A 314 -1.93 -11.28 27.58
N LYS A 315 -0.84 -11.92 27.17
CA LYS A 315 0.38 -11.20 26.80
C LYS A 315 1.21 -12.10 25.91
N LEU A 316 1.42 -11.69 24.66
CA LEU A 316 2.28 -12.39 23.72
C LEU A 316 3.24 -11.35 23.12
N ARG A 317 4.35 -11.11 23.81
CA ARG A 317 5.34 -10.12 23.39
C ARG A 317 6.64 -10.83 23.06
N LEU A 318 7.15 -10.61 21.85
CA LEU A 318 8.35 -11.28 21.37
C LEU A 318 9.55 -10.38 21.59
N ALA A 319 10.51 -10.86 22.37
CA ALA A 319 11.72 -10.09 22.63
C ALA A 319 12.57 -10.02 21.36
N THR A 320 13.08 -8.84 21.07
CA THR A 320 13.94 -8.64 19.90
C THR A 320 15.27 -7.98 20.27
N GLY A 321 15.27 -7.06 21.24
CA GLY A 321 16.49 -6.42 21.67
C GLY A 321 17.15 -7.12 22.83
N LEU A 322 18.24 -6.52 23.30
CA LEU A 322 19.01 -7.07 24.40
C LEU A 322 18.30 -6.79 25.72
N ARG A 323 18.83 -7.38 26.80
CA ARG A 323 18.36 -7.04 28.14
C ARG A 323 18.70 -5.58 28.43
N ASN A 324 17.68 -4.79 28.73
CA ASN A 324 17.87 -3.36 28.97
C ASN A 324 18.51 -3.17 30.34
N ILE A 325 19.83 -2.95 30.35
CA ILE A 325 20.55 -2.71 31.59
C ILE A 325 21.04 -1.26 31.59
N PRO A 326 20.43 -0.37 32.35
CA PRO A 326 20.93 1.01 32.46
C PRO A 326 22.21 1.06 33.27
N SER A 327 22.71 2.27 33.57
CA SER A 327 23.99 2.47 34.26
C SER A 327 24.27 1.39 35.30
N ILE A 328 23.45 1.35 36.36
CA ILE A 328 23.34 0.23 37.31
C ILE A 328 22.17 0.47 38.25
N GLY B 1 23.84 -14.80 32.10
CA GLY B 1 23.26 -15.30 30.87
C GLY B 1 23.83 -16.64 30.45
N LEU B 2 23.49 -17.08 29.23
CA LEU B 2 24.00 -18.35 28.73
C LEU B 2 25.47 -18.26 28.34
N PHE B 3 25.90 -17.12 27.78
CA PHE B 3 27.29 -16.93 27.38
C PHE B 3 28.07 -16.07 28.37
N GLY B 4 27.43 -15.54 29.40
CA GLY B 4 28.13 -14.85 30.45
C GLY B 4 28.69 -13.49 30.10
N ALA B 5 28.30 -12.92 28.96
CA ALA B 5 28.77 -11.59 28.58
C ALA B 5 27.82 -10.51 29.06
N ILE B 6 26.56 -10.56 28.63
CA ILE B 6 25.55 -9.63 29.14
C ILE B 6 25.16 -10.07 30.55
N ALA B 7 25.18 -9.10 31.48
CA ALA B 7 24.99 -9.36 32.90
C ALA B 7 26.02 -10.35 33.44
N GLY B 8 27.19 -10.38 32.79
CA GLY B 8 28.30 -11.21 33.22
C GLY B 8 29.50 -10.37 33.61
N PHE B 9 30.61 -10.50 32.88
CA PHE B 9 31.74 -9.62 33.14
C PHE B 9 31.44 -8.19 32.71
N ILE B 10 30.66 -8.02 31.65
CA ILE B 10 30.08 -6.71 31.32
C ILE B 10 28.74 -6.63 32.05
N GLU B 11 28.73 -5.91 33.17
CA GLU B 11 27.55 -5.91 34.04
C GLU B 11 26.41 -5.09 33.44
N GLY B 12 26.72 -3.93 32.85
CA GLY B 12 25.70 -3.04 32.36
C GLY B 12 25.96 -2.62 30.92
N GLY B 13 24.94 -2.02 30.31
CA GLY B 13 25.02 -1.52 28.97
C GLY B 13 25.24 -0.01 28.91
N TRP B 14 25.52 0.47 27.72
CA TRP B 14 25.79 1.89 27.48
C TRP B 14 24.54 2.58 26.95
N THR B 15 24.07 3.58 27.69
CA THR B 15 22.95 4.40 27.22
C THR B 15 23.37 5.37 26.13
N GLY B 16 24.65 5.75 26.08
CA GLY B 16 25.11 6.67 25.06
C GLY B 16 25.23 6.06 23.68
N MET B 17 25.33 4.73 23.60
CA MET B 17 25.39 4.04 22.31
C MET B 17 23.98 4.00 21.72
N VAL B 18 23.71 4.87 20.75
CA VAL B 18 22.39 4.97 20.14
C VAL B 18 22.43 4.69 18.64
N ASP B 19 23.55 4.18 18.14
CA ASP B 19 23.69 3.90 16.71
C ASP B 19 23.72 2.41 16.39
N GLY B 20 23.85 1.54 17.38
CA GLY B 20 23.87 0.12 17.10
C GLY B 20 23.68 -0.67 18.38
N TRP B 21 23.62 -2.00 18.22
CA TRP B 21 23.38 -2.89 19.35
C TRP B 21 24.67 -3.23 20.08
N TYR B 22 25.76 -3.42 19.34
CA TYR B 22 27.06 -3.76 19.93
C TYR B 22 28.12 -2.83 19.35
N GLY B 23 29.03 -2.39 20.22
CA GLY B 23 30.04 -1.45 19.75
C GLY B 23 31.18 -1.33 20.75
N TYR B 24 31.99 -0.30 20.51
CA TYR B 24 33.20 -0.05 21.29
C TYR B 24 33.17 1.34 21.90
N HIS B 25 33.95 1.51 22.96
CA HIS B 25 34.22 2.81 23.56
C HIS B 25 35.73 2.99 23.66
N HIS B 26 36.24 4.07 23.08
CA HIS B 26 37.67 4.34 23.04
C HIS B 26 38.01 5.52 23.93
N GLN B 27 39.26 5.55 24.38
CA GLN B 27 39.76 6.63 25.23
C GLN B 27 41.24 6.82 24.92
N ASN B 28 41.54 7.77 24.03
CA ASN B 28 42.91 8.06 23.63
C ASN B 28 43.22 9.53 23.89
N GLU B 29 44.40 9.97 23.43
CA GLU B 29 44.81 11.35 23.62
C GLU B 29 43.89 12.31 22.88
N GLN B 30 43.50 11.95 21.65
CA GLN B 30 42.68 12.84 20.83
C GLN B 30 41.30 13.06 21.45
N GLY B 31 40.68 12.00 21.95
CA GLY B 31 39.36 12.14 22.55
C GLY B 31 38.77 10.78 22.87
N SER B 32 37.50 10.81 23.29
CA SER B 32 36.77 9.60 23.65
C SER B 32 35.36 9.69 23.08
N GLY B 33 34.77 8.53 22.82
CA GLY B 33 33.41 8.48 22.30
C GLY B 33 32.99 7.05 22.07
N TYR B 34 31.71 6.90 21.71
CA TYR B 34 31.11 5.60 21.41
C TYR B 34 31.06 5.37 19.91
N ALA B 35 31.12 4.11 19.51
CA ALA B 35 31.04 3.73 18.10
C ALA B 35 30.59 2.29 18.01
N ALA B 36 29.47 2.05 17.35
CA ALA B 36 28.92 0.71 17.22
C ALA B 36 29.65 -0.08 16.14
N ASP B 37 29.73 -1.40 16.35
CA ASP B 37 30.32 -2.29 15.36
C ASP B 37 29.28 -2.58 14.28
N LEU B 38 29.64 -2.28 13.03
CA LEU B 38 28.69 -2.41 11.93
C LEU B 38 28.40 -3.87 11.62
N LYS B 39 29.43 -4.71 11.61
CA LYS B 39 29.27 -6.10 11.19
C LYS B 39 28.32 -6.86 12.13
N SER B 40 28.48 -6.69 13.43
CA SER B 40 27.66 -7.44 14.38
C SER B 40 26.24 -6.91 14.41
N THR B 41 26.06 -5.59 14.37
CA THR B 41 24.72 -5.01 14.51
C THR B 41 23.84 -5.35 13.33
N GLN B 42 24.35 -5.14 12.11
CA GLN B 42 23.53 -5.36 10.91
C GLN B 42 23.15 -6.82 10.76
N ASN B 43 24.08 -7.73 11.01
CA ASN B 43 23.76 -9.15 10.93
C ASN B 43 22.73 -9.54 11.99
N ALA B 44 22.86 -8.99 13.21
CA ALA B 44 21.90 -9.29 14.26
C ALA B 44 20.50 -8.80 13.90
N ILE B 45 20.41 -7.59 13.33
CA ILE B 45 19.10 -7.04 12.97
C ILE B 45 18.42 -7.93 11.94
N ASP B 46 19.16 -8.36 10.92
CA ASP B 46 18.58 -9.25 9.91
C ASP B 46 18.20 -10.60 10.51
N GLY B 47 19.02 -11.12 11.42
CA GLY B 47 18.71 -12.40 12.04
C GLY B 47 17.44 -12.35 12.86
N ILE B 48 17.30 -11.32 13.70
CA ILE B 48 16.07 -11.15 14.47
C ILE B 48 14.90 -10.86 13.55
N THR B 49 15.14 -10.13 12.46
CA THR B 49 14.08 -9.92 11.46
C THR B 49 13.58 -11.24 10.91
N ASN B 50 14.50 -12.14 10.56
CA ASN B 50 14.11 -13.44 10.04
C ASN B 50 13.42 -14.27 11.12
N LYS B 51 13.85 -14.14 12.37
CA LYS B 51 13.22 -14.88 13.46
C LYS B 51 11.77 -14.45 13.62
N VAL B 52 11.51 -13.13 13.62
CA VAL B 52 10.13 -12.65 13.74
C VAL B 52 9.32 -13.05 12.51
N ASN B 53 9.90 -12.90 11.31
CA ASN B 53 9.20 -13.29 10.11
C ASN B 53 8.92 -14.79 10.07
N SER B 54 9.80 -15.60 10.66
CA SER B 54 9.59 -17.04 10.70
C SER B 54 8.37 -17.43 11.51
N VAL B 55 7.86 -16.54 12.37
CA VAL B 55 6.73 -16.84 13.23
C VAL B 55 5.42 -16.31 12.65
N ILE B 56 5.43 -15.08 12.14
CA ILE B 56 4.19 -14.42 11.76
C ILE B 56 3.86 -14.52 10.27
N GLU B 57 4.83 -14.87 9.42
CA GLU B 57 4.57 -14.93 7.99
C GLU B 57 3.52 -15.99 7.66
N LYS B 58 3.64 -17.18 8.26
CA LYS B 58 2.69 -18.25 8.00
C LYS B 58 1.36 -18.03 8.71
N MET B 59 1.32 -17.18 9.74
CA MET B 59 0.08 -16.89 10.47
C MET B 59 -0.69 -15.82 9.72
N ASN B 60 -1.38 -16.25 8.67
CA ASN B 60 -2.11 -15.33 7.81
C ASN B 60 -3.55 -15.15 8.30
N THR B 61 -4.16 -14.06 7.86
CA THR B 61 -5.52 -13.73 8.26
C THR B 61 -6.53 -14.72 7.70
N GLN B 62 -7.61 -14.95 8.44
CA GLN B 62 -8.64 -15.90 8.07
C GLN B 62 -9.98 -15.20 7.94
N PHE B 63 -10.79 -15.64 6.98
CA PHE B 63 -12.16 -15.19 6.87
C PHE B 63 -13.02 -15.93 7.89
N THR B 64 -13.75 -15.18 8.71
CA THR B 64 -14.54 -15.74 9.79
C THR B 64 -16.01 -15.42 9.58
N ALA B 65 -16.86 -16.20 10.25
CA ALA B 65 -18.30 -16.01 10.18
C ALA B 65 -18.94 -16.53 11.46
N VAL B 66 -20.12 -15.99 11.78
CA VAL B 66 -20.88 -16.50 12.91
C VAL B 66 -21.36 -17.92 12.62
N GLY B 67 -21.84 -18.17 11.40
CA GLY B 67 -22.29 -19.48 11.01
C GLY B 67 -23.73 -19.73 11.39
N LYS B 68 -24.26 -20.85 10.87
CA LYS B 68 -25.62 -21.25 11.20
C LYS B 68 -25.74 -21.60 12.68
N GLU B 69 -26.79 -21.09 13.31
CA GLU B 69 -27.10 -21.54 14.66
C GLU B 69 -27.62 -22.97 14.63
N PHE B 70 -27.63 -23.60 15.80
CA PHE B 70 -27.99 -25.00 15.92
C PHE B 70 -29.39 -25.11 16.53
N ASN B 71 -30.26 -25.86 15.86
CA ASN B 71 -31.61 -26.09 16.35
C ASN B 71 -31.59 -27.17 17.43
N HIS B 72 -32.79 -27.53 17.92
CA HIS B 72 -32.89 -28.53 18.98
C HIS B 72 -32.39 -29.88 18.52
N LEU B 73 -32.74 -30.28 17.29
CA LEU B 73 -32.28 -31.57 16.78
C LEU B 73 -30.77 -31.58 16.54
N GLU B 74 -30.19 -30.43 16.21
CA GLU B 74 -28.76 -30.32 15.96
C GLU B 74 -27.97 -30.12 17.25
N LYS B 75 -28.17 -31.02 18.22
CA LYS B 75 -27.48 -30.93 19.50
C LYS B 75 -26.13 -31.64 19.47
N ARG B 76 -26.10 -32.86 18.92
CA ARG B 76 -24.86 -33.63 18.89
C ARG B 76 -23.79 -32.92 18.07
N ILE B 77 -24.17 -32.40 16.90
CA ILE B 77 -23.21 -31.69 16.06
C ILE B 77 -22.79 -30.39 16.73
N GLU B 78 -23.71 -29.73 17.43
CA GLU B 78 -23.37 -28.52 18.17
C GLU B 78 -22.30 -28.80 19.22
N ASN B 79 -22.41 -29.93 19.93
CA ASN B 79 -21.38 -30.32 20.86
C ASN B 79 -20.06 -30.61 20.15
N LEU B 80 -20.14 -31.23 18.97
CA LEU B 80 -18.93 -31.49 18.19
C LEU B 80 -18.27 -30.18 17.75
N ASN B 81 -19.09 -29.19 17.35
CA ASN B 81 -18.54 -27.89 17.01
C ASN B 81 -17.87 -27.24 18.20
N LYS B 82 -18.47 -27.35 19.39
CA LYS B 82 -17.83 -26.85 20.60
C LYS B 82 -16.53 -27.60 20.88
N LYS B 83 -16.51 -28.91 20.62
CA LYS B 83 -15.32 -29.71 20.88
C LYS B 83 -14.15 -29.26 20.01
N VAL B 84 -14.40 -29.02 18.72
CA VAL B 84 -13.31 -28.72 17.80
C VAL B 84 -12.80 -27.30 18.02
N ASP B 85 -13.70 -26.33 18.23
CA ASP B 85 -13.26 -24.96 18.46
C ASP B 85 -12.46 -24.85 19.75
N ASP B 86 -12.92 -25.52 20.81
CA ASP B 86 -12.16 -25.51 22.05
C ASP B 86 -10.83 -26.23 21.90
N GLY B 87 -10.82 -27.34 21.15
CA GLY B 87 -9.57 -28.07 20.94
C GLY B 87 -8.53 -27.23 20.22
N PHE B 88 -8.93 -26.57 19.14
CA PHE B 88 -8.01 -25.68 18.43
C PHE B 88 -7.59 -24.50 19.30
N LEU B 89 -8.54 -23.95 20.08
CA LEU B 89 -8.23 -22.83 20.95
C LEU B 89 -7.20 -23.19 22.00
N ASP B 90 -7.35 -24.35 22.63
CA ASP B 90 -6.39 -24.77 23.65
C ASP B 90 -5.02 -25.04 23.05
N ILE B 91 -4.97 -25.65 21.87
CA ILE B 91 -3.68 -25.98 21.26
C ILE B 91 -2.97 -24.71 20.82
N TRP B 92 -3.67 -23.80 20.16
CA TRP B 92 -3.03 -22.58 19.66
C TRP B 92 -2.55 -21.70 20.81
N THR B 93 -3.36 -21.56 21.86
CA THR B 93 -2.95 -20.75 23.00
C THR B 93 -1.72 -21.33 23.68
N TYR B 94 -1.67 -22.65 23.85
CA TYR B 94 -0.52 -23.28 24.48
C TYR B 94 0.73 -23.13 23.62
N ASN B 95 0.60 -23.37 22.32
CA ASN B 95 1.76 -23.31 21.43
C ASN B 95 2.29 -21.88 21.28
N ALA B 96 1.38 -20.90 21.18
CA ALA B 96 1.81 -19.52 21.02
C ALA B 96 2.55 -19.02 22.25
N GLU B 97 2.01 -19.28 23.44
CA GLU B 97 2.66 -18.86 24.67
C GLU B 97 4.01 -19.57 24.85
N LEU B 98 4.03 -20.87 24.60
CA LEU B 98 5.26 -21.64 24.78
C LEU B 98 6.35 -21.20 23.81
N LEU B 99 5.98 -20.98 22.54
CA LEU B 99 6.98 -20.57 21.55
C LEU B 99 7.60 -19.23 21.90
N VAL B 100 6.77 -18.28 22.33
CA VAL B 100 7.28 -16.96 22.70
C VAL B 100 8.23 -17.06 23.88
N LEU B 101 7.86 -17.84 24.89
CA LEU B 101 8.72 -18.00 26.06
C LEU B 101 10.05 -18.64 25.71
N LEU B 102 10.02 -19.67 24.87
CA LEU B 102 11.26 -20.34 24.48
C LEU B 102 12.12 -19.45 23.58
N GLU B 103 11.50 -18.80 22.59
CA GLU B 103 12.27 -18.02 21.63
C GLU B 103 12.84 -16.75 22.26
N ASN B 104 12.17 -16.20 23.27
CA ASN B 104 12.66 -14.99 23.92
C ASN B 104 13.99 -15.26 24.61
N GLU B 105 14.11 -16.40 25.31
CA GLU B 105 15.38 -16.74 25.94
C GLU B 105 16.46 -16.98 24.91
N ARG B 106 16.13 -17.65 23.80
CA ARG B 106 17.10 -17.83 22.73
C ARG B 106 17.51 -16.50 22.12
N THR B 107 16.56 -15.57 21.98
CA THR B 107 16.88 -14.24 21.49
C THR B 107 17.83 -13.52 22.43
N LEU B 108 17.58 -13.61 23.74
CA LEU B 108 18.48 -12.99 24.71
C LEU B 108 19.87 -13.63 24.66
N ASP B 109 19.93 -14.95 24.52
CA ASP B 109 21.22 -15.62 24.40
C ASP B 109 21.91 -15.29 23.09
N TYR B 110 21.14 -14.97 22.05
CA TYR B 110 21.74 -14.60 20.77
C TYR B 110 22.56 -13.30 20.91
N HIS B 111 22.02 -12.32 21.64
CA HIS B 111 22.79 -11.10 21.90
C HIS B 111 24.01 -11.40 22.76
N ASP B 112 23.88 -12.33 23.71
CA ASP B 112 25.01 -12.68 24.57
C ASP B 112 26.17 -13.23 23.76
N SER B 113 25.88 -14.12 22.80
CA SER B 113 26.94 -14.67 21.96
C SER B 113 27.55 -13.60 21.06
N ASN B 114 26.72 -12.72 20.51
CA ASN B 114 27.23 -11.69 19.61
C ASN B 114 28.19 -10.75 20.33
N VAL B 115 27.86 -10.38 21.58
CA VAL B 115 28.78 -9.56 22.36
C VAL B 115 30.06 -10.32 22.66
N LYS B 116 29.94 -11.60 23.01
CA LYS B 116 31.11 -12.39 23.39
C LYS B 116 32.09 -12.53 22.22
N ASN B 117 31.57 -12.81 21.02
CA ASN B 117 32.46 -12.94 19.86
C ASN B 117 33.15 -11.62 19.54
N LEU B 118 32.47 -10.49 19.75
CA LEU B 118 33.10 -9.19 19.56
C LEU B 118 34.27 -9.01 20.52
N TYR B 119 34.09 -9.39 21.78
CA TYR B 119 35.17 -9.29 22.76
C TYR B 119 36.33 -10.21 22.38
N GLU B 120 36.03 -11.44 21.95
CA GLU B 120 37.08 -12.38 21.60
C GLU B 120 37.86 -11.92 20.37
N LYS B 121 37.17 -11.32 19.41
CA LYS B 121 37.85 -10.81 18.21
C LYS B 121 38.85 -9.72 18.58
N VAL B 122 38.47 -8.82 19.49
CA VAL B 122 39.41 -7.81 19.97
C VAL B 122 40.50 -8.46 20.82
N ARG B 123 40.12 -9.40 21.68
CA ARG B 123 41.11 -10.04 22.56
C ARG B 123 42.14 -10.81 21.76
N SER B 124 41.71 -11.54 20.72
CA SER B 124 42.66 -12.27 19.89
C SER B 124 43.51 -11.32 19.04
N GLN B 125 42.95 -10.18 18.65
CA GLN B 125 43.70 -9.23 17.82
C GLN B 125 44.82 -8.58 18.60
N LEU B 126 44.52 -8.08 19.81
CA LEU B 126 45.51 -7.32 20.57
C LEU B 126 46.59 -8.23 21.14
N LYS B 127 46.20 -9.40 21.65
CA LYS B 127 47.12 -10.39 22.20
C LYS B 127 47.85 -9.75 23.38
N ASN B 128 49.17 -9.58 23.33
CA ASN B 128 49.94 -9.08 24.46
C ASN B 128 50.06 -7.57 24.51
N ASN B 129 49.59 -6.86 23.48
CA ASN B 129 49.71 -5.41 23.43
C ASN B 129 48.63 -4.70 24.25
N ALA B 130 47.85 -5.42 25.04
CA ALA B 130 46.83 -4.82 25.87
C ALA B 130 46.62 -5.67 27.11
N LYS B 131 46.01 -5.07 28.12
CA LYS B 131 45.74 -5.73 29.40
C LYS B 131 44.24 -5.88 29.59
N GLU B 132 43.81 -7.11 29.91
CA GLU B 132 42.41 -7.39 30.19
C GLU B 132 42.11 -6.94 31.61
N ILE B 133 41.53 -5.74 31.75
CA ILE B 133 41.24 -5.18 33.06
C ILE B 133 39.85 -5.55 33.56
N GLY B 134 39.09 -6.33 32.80
CA GLY B 134 37.75 -6.71 33.18
C GLY B 134 36.69 -5.76 32.66
N ASN B 135 35.44 -6.20 32.76
CA ASN B 135 34.28 -5.45 32.30
C ASN B 135 34.36 -5.13 30.81
N GLY B 136 34.99 -6.02 30.04
CA GLY B 136 35.08 -5.84 28.60
C GLY B 136 36.02 -4.74 28.14
N CYS B 137 36.89 -4.25 29.01
CA CYS B 137 37.79 -3.16 28.68
C CYS B 137 39.21 -3.69 28.43
N PHE B 138 40.00 -2.88 27.70
CA PHE B 138 41.35 -3.25 27.32
C PHE B 138 42.25 -2.03 27.48
N GLU B 139 43.05 -2.00 28.55
CA GLU B 139 44.04 -0.95 28.73
C GLU B 139 45.22 -1.22 27.81
N PHE B 140 45.44 -0.35 26.85
CA PHE B 140 46.51 -0.53 25.89
C PHE B 140 47.87 -0.33 26.56
N TYR B 141 48.80 -1.25 26.31
CA TYR B 141 50.16 -1.13 26.79
C TYR B 141 51.01 -0.25 25.88
N HIS B 142 50.46 0.23 24.77
CA HIS B 142 51.18 1.10 23.85
C HIS B 142 50.37 2.35 23.54
N LYS B 143 50.85 3.16 22.60
CA LYS B 143 50.14 4.38 22.20
C LYS B 143 49.19 4.04 21.06
N CYS B 144 47.90 4.25 21.29
CA CYS B 144 46.86 3.97 20.30
C CYS B 144 46.16 5.29 19.95
N ASP B 145 46.40 5.78 18.74
CA ASP B 145 45.73 6.98 18.25
C ASP B 145 44.39 6.58 17.63
N ASN B 146 43.73 7.53 16.97
CA ASN B 146 42.46 7.24 16.33
C ASN B 146 42.62 6.20 15.22
N THR B 147 43.71 6.28 14.46
CA THR B 147 43.96 5.29 13.41
C THR B 147 44.14 3.90 14.00
N CYS B 148 44.88 3.80 15.11
CA CYS B 148 45.06 2.51 15.78
C CYS B 148 43.73 1.98 16.32
N MET B 149 42.90 2.87 16.87
CA MET B 149 41.62 2.44 17.42
C MET B 149 40.72 1.86 16.33
N GLU B 150 40.60 2.57 15.21
CA GLU B 150 39.75 2.08 14.12
C GLU B 150 40.30 0.79 13.51
N SER B 151 41.62 0.61 13.55
CA SER B 151 42.22 -0.60 12.99
C SER B 151 41.71 -1.85 13.69
N VAL B 152 41.57 -1.79 15.02
CA VAL B 152 41.01 -2.92 15.76
C VAL B 152 39.55 -3.13 15.37
N LYS B 153 38.77 -2.05 15.28
CA LYS B 153 37.35 -2.18 14.95
C LYS B 153 37.15 -2.69 13.53
N ASN B 154 37.94 -2.19 12.58
CA ASN B 154 37.85 -2.68 11.21
C ASN B 154 38.43 -4.09 11.04
N GLY B 155 39.12 -4.61 12.06
CA GLY B 155 39.75 -5.90 11.97
C GLY B 155 41.13 -5.91 11.33
N THR B 156 41.60 -4.76 10.86
CA THR B 156 42.93 -4.65 10.26
C THR B 156 43.93 -4.09 11.27
N TYR B 157 44.16 -4.86 12.33
CA TYR B 157 45.09 -4.49 13.39
C TYR B 157 46.42 -5.19 13.21
N ASP B 158 47.50 -4.51 13.55
CA ASP B 158 48.86 -5.01 13.36
C ASP B 158 49.54 -5.13 14.71
N TYR B 159 49.67 -6.36 15.19
CA TYR B 159 50.41 -6.61 16.43
C TYR B 159 51.88 -6.22 16.31
N PRO B 160 52.62 -6.57 15.25
CA PRO B 160 54.05 -6.22 15.21
C PRO B 160 54.33 -4.73 15.25
N LYS B 161 53.38 -3.89 14.85
CA LYS B 161 53.64 -2.46 14.80
C LYS B 161 53.93 -1.90 16.19
N TYR B 162 53.18 -2.35 17.20
CA TYR B 162 53.36 -1.89 18.58
C TYR B 162 53.88 -3.00 19.49
N SER B 163 54.51 -4.03 18.93
CA SER B 163 55.00 -5.15 19.73
C SER B 163 56.10 -4.70 20.67
N GLU B 164 57.11 -4.01 20.15
CA GLU B 164 58.22 -3.56 21.00
C GLU B 164 57.79 -2.41 21.91
N GLU B 165 56.88 -1.56 21.43
CA GLU B 165 56.39 -0.46 22.27
C GLU B 165 55.67 -0.99 23.50
N ALA B 166 54.87 -2.04 23.32
CA ALA B 166 54.17 -2.64 24.47
C ALA B 166 55.14 -3.46 25.33
N LYS B 167 56.09 -4.15 24.69
CA LYS B 167 56.97 -5.06 25.42
C LYS B 167 57.80 -4.31 26.46
N LEU B 168 58.24 -3.10 26.13
CA LEU B 168 58.98 -2.29 27.10
C LEU B 168 58.13 -1.99 28.32
N ASN B 169 56.85 -1.69 28.11
CA ASN B 169 55.94 -1.44 29.24
C ASN B 169 55.55 -2.73 29.96
N ARG B 170 55.49 -3.86 29.24
CA ARG B 170 55.24 -5.13 29.90
C ARG B 170 56.39 -5.50 30.83
N GLU B 171 57.61 -5.45 30.33
CA GLU B 171 58.78 -5.74 31.15
C GLU B 171 59.07 -4.65 32.17
N GLU B 172 58.44 -3.48 32.03
CA GLU B 172 58.61 -2.42 33.02
C GLU B 172 58.07 -2.86 34.38
N ILE B 173 56.93 -3.54 34.40
CA ILE B 173 56.34 -4.03 35.65
C ILE B 173 56.66 -5.50 35.83
N SER C 1 6.31 -15.17 -1.80
CA SER C 1 6.55 -15.42 -3.22
C SER C 1 5.93 -14.34 -4.08
N GLN C 2 6.68 -13.89 -5.08
CA GLN C 2 6.28 -12.85 -6.05
C GLN C 2 5.51 -11.72 -5.38
N VAL C 3 6.06 -11.23 -4.27
CA VAL C 3 5.42 -10.16 -3.51
C VAL C 3 5.56 -8.85 -4.28
N GLN C 4 4.46 -8.10 -4.33
CA GLN C 4 4.41 -6.82 -5.04
C GLN C 4 4.00 -5.72 -4.07
N LEU C 5 4.75 -4.61 -4.09
CA LEU C 5 4.46 -3.46 -3.25
C LEU C 5 3.59 -2.48 -4.04
N VAL C 6 2.38 -2.23 -3.53
CA VAL C 6 1.43 -1.33 -4.18
C VAL C 6 1.35 -0.06 -3.34
N GLN C 7 1.70 1.07 -3.96
CA GLN C 7 1.66 2.35 -3.27
C GLN C 7 0.34 3.07 -3.55
N SER C 8 0.17 4.23 -2.93
CA SER C 8 -1.02 5.04 -3.15
C SER C 8 -0.93 5.76 -4.50
N GLY C 9 -2.06 6.31 -4.92
CA GLY C 9 -2.11 7.00 -6.19
C GLY C 9 -1.38 8.33 -6.19
N THR C 10 -1.17 8.86 -7.39
CA THR C 10 -0.50 10.15 -7.53
C THR C 10 -1.34 11.25 -6.90
N GLU C 11 -0.69 12.13 -6.15
CA GLU C 11 -1.36 13.18 -5.41
C GLU C 11 -0.80 14.53 -5.82
N VAL C 12 -1.69 15.50 -6.05
CA VAL C 12 -1.32 16.88 -6.34
C VAL C 12 -1.65 17.71 -5.11
N LYS C 13 -0.63 18.33 -4.52
CA LYS C 13 -0.77 19.03 -3.25
C LYS C 13 -0.30 20.47 -3.40
N LYS C 14 -0.96 21.37 -2.67
CA LYS C 14 -0.55 22.76 -2.62
C LYS C 14 0.77 22.87 -1.86
N PRO C 15 1.54 23.93 -2.12
CA PRO C 15 2.80 24.12 -1.37
C PRO C 15 2.51 24.31 0.11
N GLY C 16 3.47 23.91 0.93
CA GLY C 16 3.35 24.11 2.36
C GLY C 16 2.39 23.18 3.06
N SER C 17 1.86 22.18 2.36
CA SER C 17 0.93 21.22 2.93
C SER C 17 1.66 19.94 3.28
N SER C 18 0.90 18.94 3.73
CA SER C 18 1.44 17.64 4.10
C SER C 18 0.73 16.56 3.31
N VAL C 19 1.49 15.63 2.75
CA VAL C 19 0.98 14.53 1.95
C VAL C 19 1.36 13.22 2.61
N LYS C 20 0.43 12.26 2.61
CA LYS C 20 0.67 10.94 3.16
C LYS C 20 0.57 9.91 2.04
N VAL C 21 1.57 9.04 1.94
CA VAL C 21 1.65 8.02 0.89
C VAL C 21 1.72 6.66 1.56
N SER C 22 0.85 5.75 1.14
CA SER C 22 0.83 4.39 1.67
C SER C 22 1.66 3.47 0.78
N CYS C 23 2.11 2.37 1.38
CA CYS C 23 2.88 1.33 0.66
C CYS C 23 2.45 -0.02 1.21
N LYS C 24 1.47 -0.63 0.55
CA LYS C 24 0.88 -1.89 1.00
C LYS C 24 1.47 -3.06 0.21
N ALA C 25 1.65 -4.18 0.91
CA ALA C 25 2.21 -5.39 0.31
C ALA C 25 1.09 -6.36 -0.06
N SER C 26 1.49 -7.47 -0.66
CA SER C 26 0.54 -8.50 -1.09
C SER C 26 1.10 -9.86 -0.74
N GLY C 27 0.19 -10.83 -0.60
CA GLY C 27 0.58 -12.21 -0.32
C GLY C 27 0.56 -12.52 1.18
N VAL C 28 1.74 -12.77 1.74
CA VAL C 28 1.85 -13.14 3.14
C VAL C 28 1.60 -11.91 4.00
N THR C 29 0.50 -11.91 4.73
CA THR C 29 0.22 -10.85 5.69
C THR C 29 1.09 -11.03 6.94
N PHE C 30 1.15 -9.97 7.75
CA PHE C 30 1.90 -9.97 9.00
C PHE C 30 3.38 -10.26 8.74
N SER C 31 4.01 -9.31 8.06
CA SER C 31 5.44 -9.32 7.80
C SER C 31 6.14 -8.22 8.57
N SER C 32 7.42 -8.44 8.89
CA SER C 32 8.20 -7.49 9.67
C SER C 32 9.46 -7.03 8.94
N TYR C 33 9.49 -7.16 7.62
CA TYR C 33 10.67 -6.75 6.86
C TYR C 33 10.85 -5.24 6.91
N ALA C 34 12.10 -4.81 6.94
CA ALA C 34 12.40 -3.38 6.95
C ALA C 34 12.05 -2.75 5.61
N MET C 35 11.60 -1.50 5.67
CA MET C 35 11.13 -0.79 4.50
C MET C 35 11.84 0.55 4.40
N SER C 36 11.94 1.07 3.17
CA SER C 36 12.63 2.33 2.91
C SER C 36 11.83 3.13 1.89
N TRP C 37 12.02 4.45 1.93
CA TRP C 37 11.41 5.37 0.99
C TRP C 37 12.49 6.11 0.22
N VAL C 38 12.35 6.16 -1.10
CA VAL C 38 13.32 6.81 -1.98
C VAL C 38 12.56 7.64 -3.01
N ARG C 39 13.00 8.88 -3.21
CA ARG C 39 12.42 9.77 -4.20
C ARG C 39 13.36 9.92 -5.39
N GLN C 40 12.80 10.38 -6.50
CA GLN C 40 13.58 10.62 -7.71
C GLN C 40 12.96 11.80 -8.46
N ALA C 41 13.67 12.93 -8.48
CA ALA C 41 13.22 14.07 -9.26
C ALA C 41 13.25 13.73 -10.75
N PRO C 42 12.30 14.28 -11.54
CA PRO C 42 12.27 13.98 -12.97
C PRO C 42 13.58 14.29 -13.67
N GLY C 43 14.25 13.24 -14.16
CA GLY C 43 15.53 13.38 -14.82
C GLY C 43 16.73 13.36 -13.90
N GLN C 44 16.52 13.36 -12.59
CA GLN C 44 17.61 13.36 -11.62
C GLN C 44 17.89 11.93 -11.16
N GLY C 45 18.75 11.79 -10.16
CA GLY C 45 19.11 10.50 -9.61
C GLY C 45 18.22 10.09 -8.45
N LEU C 46 18.59 8.98 -7.82
CA LEU C 46 17.86 8.45 -6.69
C LEU C 46 18.33 9.10 -5.40
N GLU C 47 17.41 9.32 -4.47
CA GLU C 47 17.72 9.98 -3.21
C GLU C 47 17.03 9.24 -2.08
N TRP C 48 17.81 8.75 -1.13
CA TRP C 48 17.26 8.03 0.02
C TRP C 48 16.75 9.02 1.06
N MET C 49 15.50 8.81 1.50
CA MET C 49 14.87 9.69 2.48
C MET C 49 14.92 9.11 3.88
N GLY C 50 14.40 7.90 4.06
CA GLY C 50 14.39 7.30 5.37
C GLY C 50 14.01 5.83 5.29
N GLY C 51 13.79 5.25 6.46
CA GLY C 51 13.42 3.85 6.54
C GLY C 51 12.90 3.51 7.91
N PHE C 52 12.13 2.41 7.97
CA PHE C 52 11.53 1.92 9.20
C PHE C 52 11.95 0.49 9.45
N ILE C 53 12.25 0.18 10.71
CA ILE C 53 12.59 -1.16 11.15
C ILE C 53 11.55 -1.59 12.18
N PRO C 54 10.59 -2.44 11.79
CA PRO C 54 9.57 -2.88 12.76
C PRO C 54 10.15 -3.59 13.97
N ILE C 55 11.32 -4.23 13.81
CA ILE C 55 11.96 -4.91 14.93
C ILE C 55 12.32 -3.90 16.02
N LEU C 56 12.99 -2.82 15.64
CA LEU C 56 13.29 -1.75 16.58
C LEU C 56 12.09 -0.87 16.87
N GLY C 57 11.12 -0.82 15.96
CA GLY C 57 9.95 0.02 16.13
C GLY C 57 10.18 1.49 15.89
N THR C 58 11.36 1.87 15.40
CA THR C 58 11.72 3.25 15.17
C THR C 58 12.05 3.47 13.70
N ALA C 59 12.35 4.72 13.36
CA ALA C 59 12.71 5.09 12.00
C ALA C 59 13.89 6.06 12.03
N ASN C 60 14.67 6.04 10.94
CA ASN C 60 15.80 6.93 10.79
C ASN C 60 15.68 7.68 9.47
N TYR C 61 16.01 8.97 9.48
CA TYR C 61 15.85 9.84 8.33
C TYR C 61 17.18 10.46 7.95
N ALA C 62 17.25 10.95 6.72
CA ALA C 62 18.39 11.74 6.28
C ALA C 62 18.35 13.13 6.92
N GLN C 63 19.49 13.82 6.86
CA GLN C 63 19.61 15.11 7.52
C GLN C 63 18.62 16.13 6.95
N LYS C 64 18.47 16.16 5.62
CA LYS C 64 17.60 17.16 5.01
C LYS C 64 16.13 16.92 5.31
N PHE C 65 15.74 15.70 5.68
CA PHE C 65 14.35 15.37 5.95
C PHE C 65 14.04 15.24 7.44
N GLN C 66 15.00 15.55 8.30
CA GLN C 66 14.77 15.46 9.75
C GLN C 66 13.84 16.60 10.17
N GLY C 67 12.65 16.26 10.62
CA GLY C 67 11.63 17.22 11.00
C GLY C 67 10.48 17.32 10.02
N ARG C 68 10.69 16.96 8.76
CA ARG C 68 9.63 16.97 7.76
C ARG C 68 9.10 15.58 7.43
N LEU C 69 9.92 14.54 7.57
CA LEU C 69 9.53 13.19 7.24
C LEU C 69 9.00 12.47 8.48
N THR C 70 7.95 11.68 8.28
CA THR C 70 7.34 10.88 9.35
C THR C 70 6.93 9.54 8.75
N ILE C 71 7.81 8.55 8.88
CA ILE C 71 7.57 7.22 8.33
C ILE C 71 6.95 6.35 9.42
N THR C 72 5.74 5.87 9.17
CA THR C 72 5.00 5.05 10.12
C THR C 72 4.61 3.73 9.47
N ALA C 73 4.29 2.74 10.31
CA ALA C 73 3.87 1.42 9.86
C ALA C 73 2.61 1.02 10.60
N ASP C 74 1.72 0.31 9.89
CA ASP C 74 0.46 -0.15 10.47
C ASP C 74 0.69 -1.52 11.11
N GLY C 75 1.21 -1.49 12.33
CA GLY C 75 1.50 -2.73 13.04
C GLY C 75 2.49 -3.58 12.26
N LEU C 76 2.16 -4.86 12.10
CA LEU C 76 2.98 -5.79 11.34
C LEU C 76 2.36 -6.14 9.99
N THR C 77 1.35 -5.40 9.54
CA THR C 77 0.68 -5.72 8.29
C THR C 77 1.60 -5.65 7.08
N GLY C 78 2.74 -4.97 7.20
CA GLY C 78 3.62 -4.75 6.06
C GLY C 78 3.34 -3.47 5.31
N THR C 79 2.27 -2.76 5.64
CA THR C 79 1.98 -1.46 5.04
C THR C 79 2.73 -0.37 5.80
N VAL C 80 3.41 0.50 5.05
CA VAL C 80 4.23 1.56 5.62
C VAL C 80 3.81 2.88 4.99
N TYR C 81 3.57 3.89 5.84
CA TYR C 81 3.14 5.20 5.39
C TYR C 81 4.29 6.20 5.45
N MET C 82 4.23 7.18 4.56
CA MET C 82 5.22 8.26 4.50
C MET C 82 4.50 9.59 4.58
N GLU C 83 4.97 10.48 5.46
CA GLU C 83 4.39 11.80 5.63
C GLU C 83 5.47 12.85 5.47
N LEU C 84 5.24 13.80 4.56
CA LEU C 84 6.16 14.90 4.33
C LEU C 84 5.39 16.21 4.46
N SER C 85 5.86 17.08 5.35
CA SER C 85 5.21 18.36 5.62
C SER C 85 6.02 19.50 5.02
N ARG C 86 5.36 20.65 4.88
CA ARG C 86 5.95 21.86 4.30
C ARG C 86 6.51 21.57 2.91
N LEU C 87 5.63 21.09 2.03
CA LEU C 87 6.03 20.72 0.69
C LEU C 87 6.35 21.96 -0.14
N ARG C 88 7.39 21.85 -0.98
CA ARG C 88 7.79 22.90 -1.89
C ARG C 88 7.83 22.34 -3.31
N SER C 89 8.05 23.24 -4.27
CA SER C 89 8.18 22.81 -5.66
C SER C 89 9.44 21.98 -5.88
N GLU C 90 10.45 22.12 -5.04
CA GLU C 90 11.65 21.31 -5.17
C GLU C 90 11.42 19.86 -4.77
N ASP C 91 10.36 19.57 -4.03
CA ASP C 91 10.03 18.22 -3.62
C ASP C 91 9.21 17.47 -4.67
N THR C 92 8.84 18.11 -5.77
CA THR C 92 8.11 17.45 -6.85
C THR C 92 8.97 16.34 -7.45
N ALA C 93 8.56 15.09 -7.23
CA ALA C 93 9.36 13.95 -7.67
C ALA C 93 8.48 12.71 -7.65
N VAL C 94 9.05 11.58 -8.06
CA VAL C 94 8.41 10.29 -7.98
C VAL C 94 8.94 9.57 -6.75
N TYR C 95 8.03 9.17 -5.86
CA TYR C 95 8.40 8.59 -4.58
C TYR C 95 8.18 7.08 -4.61
N TYR C 96 9.20 6.33 -4.21
CA TYR C 96 9.17 4.88 -4.24
C TYR C 96 9.24 4.32 -2.82
N CYS C 97 8.68 3.12 -2.65
CA CYS C 97 8.83 2.36 -1.42
C CYS C 97 9.40 0.99 -1.76
N ALA C 98 10.32 0.51 -0.94
CA ALA C 98 11.02 -0.72 -1.23
C ALA C 98 11.13 -1.59 0.01
N ARG C 99 10.99 -2.90 -0.18
CA ARG C 99 11.19 -3.87 0.89
C ARG C 99 12.65 -4.30 0.90
N GLU C 100 13.24 -4.35 2.09
CA GLU C 100 14.66 -4.67 2.25
C GLU C 100 14.79 -6.17 2.53
N VAL C 101 14.96 -6.95 1.46
CA VAL C 101 14.99 -8.40 1.56
C VAL C 101 15.64 -8.96 0.31
N THR C 102 16.42 -10.03 0.49
CA THR C 102 17.00 -10.82 -0.59
C THR C 102 16.52 -12.26 -0.47
N TRP C 103 17.06 -13.13 -1.32
CA TRP C 103 16.79 -14.55 -1.20
C TRP C 103 17.53 -15.19 -0.04
N LYS C 104 18.47 -14.48 0.57
CA LYS C 104 19.13 -14.92 1.79
C LYS C 104 18.38 -14.52 3.05
N GLY C 105 17.09 -14.20 2.92
CA GLY C 105 16.32 -13.72 4.04
C GLY C 105 16.31 -12.21 4.13
N ALA C 106 16.14 -11.69 5.35
CA ALA C 106 16.14 -10.25 5.53
C ALA C 106 17.52 -9.67 5.26
N SER C 107 17.55 -8.53 4.57
CA SER C 107 18.79 -7.82 4.28
C SER C 107 18.53 -6.33 4.46
N ILE C 108 19.11 -5.75 5.51
CA ILE C 108 18.79 -4.38 5.88
C ILE C 108 19.31 -3.37 4.86
N GLY C 109 20.39 -3.69 4.16
CA GLY C 109 21.03 -2.71 3.30
C GLY C 109 20.51 -2.65 1.88
N VAL C 110 19.77 -3.67 1.46
CA VAL C 110 19.38 -3.82 0.07
C VAL C 110 17.92 -3.41 -0.10
N LEU C 111 17.49 -3.27 -1.35
CA LEU C 111 16.10 -3.00 -1.70
C LEU C 111 15.71 -4.00 -2.79
N GLY C 112 15.30 -5.20 -2.38
CA GLY C 112 15.02 -6.24 -3.35
C GLY C 112 13.73 -6.02 -4.12
N ILE C 113 12.66 -5.65 -3.42
CA ILE C 113 11.34 -5.47 -4.01
C ILE C 113 10.98 -3.99 -3.93
N TRP C 114 10.64 -3.41 -5.07
CA TRP C 114 10.33 -1.99 -5.18
C TRP C 114 8.83 -1.80 -5.42
N GLY C 115 8.37 -0.57 -5.13
CA GLY C 115 6.99 -0.21 -5.36
C GLY C 115 6.73 0.25 -6.78
N GLN C 116 5.48 0.63 -7.03
CA GLN C 116 5.07 1.10 -8.35
C GLN C 116 5.43 2.57 -8.58
N GLY C 117 5.75 3.31 -7.53
CA GLY C 117 6.02 4.73 -7.68
C GLY C 117 4.79 5.58 -7.46
N THR C 118 5.01 6.78 -6.93
CA THR C 118 3.92 7.73 -6.66
C THR C 118 4.41 9.12 -7.03
N MET C 119 3.79 9.71 -8.05
CA MET C 119 4.17 11.05 -8.49
C MET C 119 3.47 12.10 -7.65
N VAL C 120 4.22 13.09 -7.19
CA VAL C 120 3.70 14.19 -6.38
C VAL C 120 4.06 15.50 -7.06
N SER C 121 3.07 16.36 -7.27
CA SER C 121 3.27 17.66 -7.90
C SER C 121 2.84 18.76 -6.95
N VAL C 122 3.61 19.85 -6.91
CA VAL C 122 3.41 20.93 -5.96
C VAL C 122 3.39 22.25 -6.72
N SER C 123 2.27 22.98 -6.63
CA SER C 123 2.18 24.34 -7.12
C SER C 123 0.95 24.99 -6.47
N ALA C 124 0.89 26.33 -6.56
CA ALA C 124 -0.09 27.08 -5.81
C ALA C 124 -1.52 26.70 -6.19
N SER C 125 -1.80 26.57 -7.48
CA SER C 125 -3.15 26.27 -7.93
C SER C 125 -3.08 25.67 -9.33
N THR C 126 -4.20 25.05 -9.74
CA THR C 126 -4.30 24.50 -11.08
C THR C 126 -4.43 25.63 -12.09
N LYS C 127 -3.57 25.62 -13.10
CA LYS C 127 -3.52 26.67 -14.11
C LYS C 127 -3.56 26.06 -15.50
N GLY C 128 -4.34 26.67 -16.38
CA GLY C 128 -4.44 26.23 -17.75
C GLY C 128 -3.23 26.62 -18.58
N PRO C 129 -2.94 25.84 -19.61
CA PRO C 129 -1.78 26.12 -20.46
C PRO C 129 -2.09 27.22 -21.48
N SER C 130 -1.08 27.53 -22.29
CA SER C 130 -1.22 28.47 -23.39
C SER C 130 -0.34 27.97 -24.55
N VAL C 131 -0.86 28.08 -25.76
CA VAL C 131 -0.19 27.57 -26.95
C VAL C 131 0.24 28.75 -27.81
N PHE C 132 1.53 28.79 -28.15
CA PHE C 132 2.09 29.84 -29.00
C PHE C 132 2.74 29.20 -30.22
N PRO C 133 2.28 29.48 -31.44
CA PRO C 133 2.84 28.80 -32.61
C PRO C 133 4.30 29.17 -32.84
N LEU C 134 5.04 28.22 -33.38
CA LEU C 134 6.43 28.42 -33.77
C LEU C 134 6.45 28.69 -35.27
N ALA C 135 6.86 29.89 -35.66
CA ALA C 135 6.68 30.36 -37.03
C ALA C 135 7.47 29.49 -38.01
N PRO C 136 6.81 28.90 -39.02
CA PRO C 136 7.52 28.11 -40.03
C PRO C 136 8.06 28.98 -41.16
N SER C 137 8.91 29.94 -40.81
CA SER C 137 9.50 30.82 -41.80
C SER C 137 10.52 30.07 -42.65
N SER C 138 11.01 30.73 -43.70
CA SER C 138 12.03 30.14 -44.56
C SER C 138 13.32 29.87 -43.81
N LYS C 139 13.55 30.54 -42.68
CA LYS C 139 14.73 30.29 -41.86
C LYS C 139 14.66 28.94 -41.17
N SER C 140 13.47 28.38 -41.00
CA SER C 140 13.30 27.06 -40.40
C SER C 140 13.34 25.93 -41.42
N THR C 141 13.66 26.24 -42.68
CA THR C 141 13.74 25.25 -43.74
C THR C 141 15.20 24.91 -44.01
N SER C 142 15.53 23.62 -43.97
CA SER C 142 16.89 23.17 -44.21
C SER C 142 16.84 21.73 -44.72
N GLY C 143 17.58 21.46 -45.79
CA GLY C 143 17.64 20.12 -46.35
C GLY C 143 16.38 19.67 -47.04
N GLY C 144 15.55 20.60 -47.50
CA GLY C 144 14.29 20.27 -48.13
C GLY C 144 13.14 20.05 -47.18
N THR C 145 13.38 20.10 -45.87
CA THR C 145 12.33 19.95 -44.87
C THR C 145 12.28 21.20 -44.00
N ALA C 146 11.09 21.51 -43.52
CA ALA C 146 10.87 22.68 -42.68
C ALA C 146 10.76 22.26 -41.23
N ALA C 147 10.47 23.24 -40.36
CA ALA C 147 10.34 22.97 -38.93
C ALA C 147 9.29 23.91 -38.36
N LEU C 148 8.40 23.37 -37.54
CA LEU C 148 7.36 24.15 -36.88
C LEU C 148 6.90 23.39 -35.64
N GLY C 149 6.24 24.11 -34.74
CA GLY C 149 5.80 23.48 -33.52
C GLY C 149 4.87 24.38 -32.73
N CYS C 150 4.50 23.90 -31.55
CA CYS C 150 3.64 24.62 -30.63
C CYS C 150 4.29 24.66 -29.25
N LEU C 151 4.17 25.80 -28.57
CA LEU C 151 4.79 26.01 -27.28
C LEU C 151 3.72 26.03 -26.21
N VAL C 152 3.71 25.02 -25.34
CA VAL C 152 2.83 24.94 -24.19
C VAL C 152 3.59 25.47 -22.98
N LYS C 153 3.02 26.46 -22.30
CA LYS C 153 3.74 27.19 -21.27
C LYS C 153 2.83 27.51 -20.10
N ASP C 154 3.38 27.40 -18.89
CA ASP C 154 2.70 27.79 -17.64
C ASP C 154 1.41 27.00 -17.43
N TYR C 155 1.58 25.70 -17.24
CA TYR C 155 0.47 24.81 -16.91
C TYR C 155 0.83 23.98 -15.69
N PHE C 156 -0.20 23.62 -14.91
CA PHE C 156 -0.03 22.76 -13.76
C PHE C 156 -1.37 22.09 -13.47
N PRO C 157 -1.40 20.79 -13.14
CA PRO C 157 -0.22 19.92 -13.12
C PRO C 157 -0.06 19.09 -14.39
N GLU C 158 1.04 18.35 -14.47
CA GLU C 158 1.26 17.42 -15.56
C GLU C 158 0.27 16.26 -15.44
N PRO C 159 -0.03 15.55 -16.54
CA PRO C 159 0.48 15.67 -17.91
C PRO C 159 -0.40 16.48 -18.86
N VAL C 160 0.10 16.67 -20.08
CA VAL C 160 -0.63 17.34 -21.15
C VAL C 160 -0.44 16.52 -22.42
N THR C 161 -1.54 16.24 -23.11
CA THR C 161 -1.53 15.47 -24.35
C THR C 161 -1.52 16.42 -25.53
N VAL C 162 -0.51 16.30 -26.39
CA VAL C 162 -0.37 17.14 -27.58
C VAL C 162 -0.37 16.23 -28.80
N SER C 163 -1.28 16.50 -29.73
CA SER C 163 -1.37 15.77 -30.98
C SER C 163 -1.37 16.76 -32.14
N TRP C 164 -0.96 16.28 -33.30
CA TRP C 164 -0.81 17.11 -34.49
C TRP C 164 -1.84 16.72 -35.54
N ASN C 165 -2.57 17.72 -36.05
CA ASN C 165 -3.59 17.51 -37.09
C ASN C 165 -4.62 16.48 -36.67
N SER C 166 -5.10 16.62 -35.43
CA SER C 166 -6.08 15.69 -34.85
C SER C 166 -5.56 14.25 -34.88
N GLY C 167 -4.26 14.09 -34.63
CA GLY C 167 -3.63 12.79 -34.61
C GLY C 167 -3.19 12.26 -35.95
N ALA C 168 -3.44 12.99 -37.05
CA ALA C 168 -3.03 12.52 -38.36
C ALA C 168 -1.52 12.60 -38.54
N LEU C 169 -0.92 13.73 -38.14
CA LEU C 169 0.52 13.94 -38.29
C LEU C 169 1.24 13.23 -37.16
N THR C 170 1.83 12.08 -37.46
CA THR C 170 2.50 11.26 -36.46
C THR C 170 4.01 11.17 -36.69
N SER C 171 4.43 10.76 -37.88
CA SER C 171 5.84 10.58 -38.16
C SER C 171 6.55 11.93 -38.16
N GLY C 172 7.73 11.97 -37.53
CA GLY C 172 8.50 13.19 -37.41
C GLY C 172 8.11 14.10 -36.26
N VAL C 173 7.10 13.73 -35.48
CA VAL C 173 6.66 14.55 -34.36
C VAL C 173 7.50 14.22 -33.14
N HIS C 174 8.11 15.24 -32.54
CA HIS C 174 8.95 15.09 -31.36
C HIS C 174 8.35 15.97 -30.26
N THR C 175 7.62 15.34 -29.32
CA THR C 175 7.04 16.04 -28.19
C THR C 175 8.04 15.99 -27.03
N PHE C 176 8.58 17.15 -26.67
CA PHE C 176 9.62 17.20 -25.66
C PHE C 176 9.04 17.12 -24.26
N PRO C 177 9.76 16.54 -23.30
CA PRO C 177 9.27 16.49 -21.92
C PRO C 177 9.21 17.87 -21.30
N ALA C 178 8.33 18.00 -20.32
CA ALA C 178 8.13 19.28 -19.64
C ALA C 178 9.34 19.60 -18.75
N VAL C 179 9.53 20.89 -18.51
CA VAL C 179 10.57 21.38 -17.61
C VAL C 179 9.92 22.30 -16.59
N LEU C 180 10.23 22.09 -15.31
CA LEU C 180 9.67 22.90 -14.24
C LEU C 180 10.44 24.21 -14.16
N GLN C 181 9.80 25.31 -14.55
CA GLN C 181 10.44 26.61 -14.47
C GLN C 181 10.57 27.06 -13.02
N SER C 182 11.32 28.14 -12.83
CA SER C 182 11.44 28.75 -11.50
C SER C 182 10.10 29.31 -11.02
N SER C 183 9.15 29.53 -11.92
CA SER C 183 7.82 30.00 -11.55
C SER C 183 6.97 28.92 -10.90
N GLY C 184 7.42 27.67 -10.90
CA GLY C 184 6.65 26.57 -10.37
C GLY C 184 5.72 25.89 -11.34
N LEU C 185 5.67 26.34 -12.59
CA LEU C 185 4.82 25.76 -13.61
C LEU C 185 5.68 25.15 -14.72
N TYR C 186 5.14 24.12 -15.36
CA TYR C 186 5.85 23.40 -16.39
C TYR C 186 5.67 24.07 -17.76
N SER C 187 6.48 23.62 -18.72
CA SER C 187 6.36 24.08 -20.10
C SER C 187 6.97 23.03 -21.02
N LEU C 188 6.35 22.84 -22.18
CA LEU C 188 6.82 21.89 -23.17
C LEU C 188 6.59 22.46 -24.56
N SER C 189 7.33 21.94 -25.52
CA SER C 189 7.21 22.34 -26.91
C SER C 189 7.20 21.10 -27.78
N SER C 190 6.13 20.90 -28.54
CA SER C 190 6.01 19.79 -29.47
C SER C 190 6.24 20.31 -30.88
N VAL C 191 7.20 19.72 -31.58
CA VAL C 191 7.59 20.17 -32.91
C VAL C 191 7.46 19.01 -33.89
N VAL C 192 7.58 19.33 -35.17
CA VAL C 192 7.51 18.34 -36.24
C VAL C 192 8.25 18.88 -37.44
N THR C 193 9.05 18.01 -38.07
CA THR C 193 9.83 18.38 -39.25
C THR C 193 9.04 17.95 -40.49
N VAL C 194 8.37 18.91 -41.11
CA VAL C 194 7.55 18.65 -42.30
C VAL C 194 8.34 19.05 -43.54
N PRO C 195 8.08 18.44 -44.69
CA PRO C 195 8.79 18.83 -45.91
C PRO C 195 8.44 20.26 -46.32
N SER C 196 9.38 20.90 -47.01
CA SER C 196 9.20 22.27 -47.46
C SER C 196 8.08 22.40 -48.49
N SER C 197 7.70 21.31 -49.14
CA SER C 197 6.66 21.32 -50.17
C SER C 197 5.26 21.14 -49.60
N SER C 198 5.06 21.44 -48.33
CA SER C 198 3.76 21.28 -47.69
C SER C 198 3.32 22.50 -46.88
N LEU C 199 4.12 23.56 -46.84
CA LEU C 199 3.72 24.76 -46.12
C LEU C 199 2.50 25.42 -46.75
N GLY C 200 2.48 25.50 -48.08
CA GLY C 200 1.38 26.08 -48.81
C GLY C 200 0.30 25.10 -49.24
N THR C 201 0.39 23.85 -48.80
CA THR C 201 -0.58 22.82 -49.19
C THR C 201 -1.42 22.34 -48.02
N GLN C 202 -0.80 22.02 -46.89
CA GLN C 202 -1.50 21.45 -45.74
C GLN C 202 -1.40 22.41 -44.55
N THR C 203 -2.56 22.78 -44.00
CA THR C 203 -2.59 23.55 -42.77
C THR C 203 -2.23 22.68 -41.58
N TYR C 204 -1.54 23.27 -40.62
CA TYR C 204 -1.01 22.55 -39.46
C TYR C 204 -1.63 23.08 -38.18
N ILE C 205 -2.20 22.17 -37.39
CA ILE C 205 -2.85 22.51 -36.14
C ILE C 205 -2.39 21.51 -35.08
N CYS C 206 -2.08 22.01 -33.89
CA CYS C 206 -1.70 21.18 -32.76
C CYS C 206 -2.87 21.10 -31.79
N ASN C 207 -3.24 19.88 -31.40
CA ASN C 207 -4.34 19.64 -30.47
C ASN C 207 -3.76 19.41 -29.08
N VAL C 208 -4.00 20.36 -28.18
CA VAL C 208 -3.45 20.34 -26.83
C VAL C 208 -4.59 20.18 -25.85
N ASN C 209 -4.51 19.16 -25.01
CA ASN C 209 -5.53 18.87 -24.00
C ASN C 209 -4.89 18.83 -22.62
N HIS C 210 -5.54 19.48 -21.65
CA HIS C 210 -5.10 19.48 -20.26
C HIS C 210 -6.31 19.12 -19.41
N LYS C 211 -6.51 17.82 -19.20
CA LYS C 211 -7.66 17.35 -18.42
C LYS C 211 -7.71 17.91 -17.01
N PRO C 212 -6.60 18.02 -16.25
CA PRO C 212 -6.70 18.61 -14.91
C PRO C 212 -7.34 20.00 -14.90
N SER C 213 -7.05 20.82 -15.90
CA SER C 213 -7.67 22.13 -16.02
C SER C 213 -8.88 22.15 -16.96
N ASN C 214 -9.20 21.00 -17.57
CA ASN C 214 -10.32 20.88 -18.51
C ASN C 214 -10.19 21.91 -19.64
N THR C 215 -8.98 22.07 -20.16
CA THR C 215 -8.69 23.02 -21.23
C THR C 215 -8.26 22.26 -22.47
N LYS C 216 -8.96 22.50 -23.58
CA LYS C 216 -8.62 21.92 -24.87
C LYS C 216 -8.49 23.05 -25.88
N VAL C 217 -7.37 23.07 -26.61
CA VAL C 217 -7.06 24.16 -27.53
C VAL C 217 -6.49 23.57 -28.81
N ASP C 218 -6.84 24.20 -29.94
CA ASP C 218 -6.31 23.83 -31.25
C ASP C 218 -5.83 25.12 -31.92
N LYS C 219 -4.52 25.27 -32.05
CA LYS C 219 -3.92 26.49 -32.59
C LYS C 219 -3.28 26.20 -33.94
N LYS C 220 -3.61 27.02 -34.93
CA LYS C 220 -3.00 26.91 -36.25
C LYS C 220 -1.59 27.48 -36.22
N VAL C 221 -0.64 26.73 -36.75
CA VAL C 221 0.74 27.22 -36.90
C VAL C 221 0.81 27.87 -38.27
N GLU C 222 0.44 29.14 -38.32
CA GLU C 222 0.36 29.85 -39.60
C GLU C 222 1.76 30.00 -40.19
N PRO C 223 1.97 29.60 -41.45
CA PRO C 223 3.30 29.73 -42.07
C PRO C 223 3.73 31.19 -42.14
N LYS C 224 4.87 31.48 -41.51
CA LYS C 224 5.44 32.82 -41.43
C LYS C 224 4.55 33.78 -40.64
N SER C 225 5.12 34.90 -40.18
CA SER C 225 4.33 35.93 -39.53
C SER C 225 3.64 36.84 -40.52
N CYS C 226 4.02 36.79 -41.80
CA CYS C 226 3.43 37.60 -42.86
C CYS C 226 3.49 39.09 -42.53
N ASP D 1 31.35 9.59 9.16
CA ASP D 1 30.65 10.64 8.42
C ASP D 1 29.93 10.04 7.21
N ASP D 2 29.41 10.91 6.34
CA ASP D 2 28.67 10.46 5.17
C ASP D 2 29.62 9.82 4.15
N ILE D 3 29.02 9.18 3.15
CA ILE D 3 29.74 8.53 2.07
C ILE D 3 29.29 9.11 0.74
N GLN D 4 30.19 9.09 -0.24
CA GLN D 4 29.95 9.67 -1.55
C GLN D 4 30.18 8.59 -2.61
N MET D 5 29.13 8.24 -3.34
CA MET D 5 29.19 7.20 -4.37
C MET D 5 29.33 7.87 -5.73
N THR D 6 30.51 7.76 -6.33
CA THR D 6 30.78 8.30 -7.65
C THR D 6 31.05 7.15 -8.62
N GLN D 7 30.31 7.13 -9.73
CA GLN D 7 30.47 6.11 -10.75
C GLN D 7 31.35 6.61 -11.89
N SER D 8 31.91 5.67 -12.63
CA SER D 8 32.76 5.98 -13.77
C SER D 8 32.63 4.88 -14.82
N PRO D 9 32.18 5.21 -16.04
CA PRO D 9 31.81 6.57 -16.45
C PRO D 9 30.38 6.94 -16.08
N SER D 10 29.95 8.12 -16.50
CA SER D 10 28.58 8.56 -16.28
C SER D 10 27.65 8.23 -17.44
N SER D 11 28.19 8.01 -18.63
CA SER D 11 27.39 7.64 -19.79
C SER D 11 28.29 6.93 -20.80
N LEU D 12 27.85 5.77 -21.27
CA LEU D 12 28.62 4.98 -22.22
C LEU D 12 27.72 4.50 -23.34
N SER D 13 28.28 4.42 -24.55
CA SER D 13 27.58 3.91 -25.72
C SER D 13 28.25 2.62 -26.16
N ALA D 14 27.45 1.56 -26.31
CA ALA D 14 27.98 0.25 -26.66
C ALA D 14 26.98 -0.46 -27.55
N SER D 15 27.49 -1.42 -28.32
CA SER D 15 26.67 -2.24 -29.20
C SER D 15 26.25 -3.53 -28.48
N VAL D 16 25.29 -4.23 -29.09
CA VAL D 16 24.82 -5.49 -28.52
C VAL D 16 25.94 -6.52 -28.58
N GLY D 17 26.27 -7.10 -27.43
CA GLY D 17 27.37 -8.04 -27.34
C GLY D 17 28.68 -7.45 -26.86
N ASP D 18 28.72 -6.16 -26.58
CA ASP D 18 29.94 -5.50 -26.14
C ASP D 18 30.06 -5.57 -24.62
N ARG D 19 31.28 -5.86 -24.15
CA ARG D 19 31.52 -5.91 -22.71
C ARG D 19 31.39 -4.51 -22.11
N VAL D 20 30.65 -4.41 -21.00
CA VAL D 20 30.41 -3.15 -20.32
C VAL D 20 30.91 -3.29 -18.88
N ILE D 21 31.77 -2.35 -18.47
CA ILE D 21 32.34 -2.34 -17.13
C ILE D 21 32.08 -0.97 -16.53
N ILE D 22 31.23 -0.91 -15.50
CA ILE D 22 30.91 0.31 -14.79
C ILE D 22 31.45 0.19 -13.38
N THR D 23 32.25 1.16 -12.96
CA THR D 23 32.87 1.16 -11.65
C THR D 23 32.18 2.15 -10.72
N CYS D 24 32.35 1.94 -9.41
CA CYS D 24 31.76 2.81 -8.40
C CYS D 24 32.76 2.94 -7.25
N ARG D 25 33.18 4.17 -6.98
CA ARG D 25 34.13 4.48 -5.92
C ARG D 25 33.41 5.11 -4.73
N ALA D 26 34.12 5.25 -3.63
CA ALA D 26 33.49 5.62 -2.36
C ALA D 26 34.30 6.68 -1.63
N ASN D 27 33.58 7.45 -0.81
CA ASN D 27 34.19 8.39 0.12
C ASN D 27 35.20 7.70 1.02
N GLN D 28 34.80 6.55 1.58
CA GLN D 28 35.63 5.80 2.51
C GLN D 28 35.50 4.32 2.16
N SER D 29 36.38 3.51 2.75
CA SER D 29 36.34 2.07 2.52
C SER D 29 35.09 1.47 3.15
N ILE D 30 34.34 0.71 2.34
CA ILE D 30 33.08 0.13 2.78
C ILE D 30 33.10 -1.40 2.72
N GLY D 31 34.25 -1.99 2.41
CA GLY D 31 34.35 -3.44 2.34
C GLY D 31 33.56 -4.04 1.20
N GLY D 32 32.46 -4.71 1.51
CA GLY D 32 31.62 -5.31 0.49
C GLY D 32 30.17 -4.88 0.58
N TYR D 33 29.88 -3.89 1.41
CA TYR D 33 28.52 -3.40 1.61
C TYR D 33 28.12 -2.47 0.46
N LEU D 34 27.89 -3.08 -0.70
CA LEU D 34 27.49 -2.33 -1.88
C LEU D 34 26.47 -3.14 -2.68
N ASN D 35 25.54 -2.43 -3.31
CA ASN D 35 24.51 -3.03 -4.15
C ASN D 35 24.43 -2.28 -5.47
N TRP D 36 23.92 -2.98 -6.49
CA TRP D 36 23.78 -2.44 -7.83
C TRP D 36 22.32 -2.50 -8.26
N TYR D 37 21.87 -1.48 -8.98
CA TYR D 37 20.49 -1.37 -9.41
C TYR D 37 20.41 -1.04 -10.89
N GLN D 38 19.23 -1.24 -11.47
CA GLN D 38 18.98 -0.92 -12.86
C GLN D 38 17.59 -0.32 -12.99
N GLN D 39 17.49 0.85 -13.62
CA GLN D 39 16.22 1.53 -13.81
C GLN D 39 15.99 1.79 -15.30
N LYS D 40 14.81 1.39 -15.79
CA LYS D 40 14.36 1.70 -17.13
C LYS D 40 13.46 2.92 -17.11
N PRO D 41 13.39 3.67 -18.21
CA PRO D 41 12.57 4.89 -18.22
C PRO D 41 11.11 4.59 -17.90
N GLY D 42 10.54 5.39 -17.01
CA GLY D 42 9.15 5.25 -16.63
C GLY D 42 8.84 4.09 -15.72
N LYS D 43 9.84 3.43 -15.16
CA LYS D 43 9.64 2.26 -14.32
C LYS D 43 10.49 2.36 -13.07
N ALA D 44 10.17 1.52 -12.09
CA ALA D 44 10.88 1.48 -10.82
C ALA D 44 12.23 0.78 -10.97
N PRO D 45 13.20 1.13 -10.12
CA PRO D 45 14.50 0.44 -10.17
C PRO D 45 14.38 -1.03 -9.78
N ASN D 46 15.30 -1.84 -10.29
CA ASN D 46 15.35 -3.26 -10.01
C ASN D 46 16.75 -3.62 -9.52
N LEU D 47 16.81 -4.42 -8.46
CA LEU D 47 18.08 -4.83 -7.88
C LEU D 47 18.72 -5.93 -8.72
N LEU D 48 20.04 -5.86 -8.84
CA LEU D 48 20.82 -6.87 -9.57
C LEU D 48 21.88 -7.54 -8.71
N ILE D 49 22.58 -6.79 -7.87
CA ILE D 49 23.70 -7.30 -7.09
C ILE D 49 23.58 -6.77 -5.67
N PHE D 50 23.83 -7.63 -4.69
CA PHE D 50 23.96 -7.22 -3.29
C PHE D 50 25.19 -7.88 -2.69
N THR D 51 25.74 -7.24 -1.65
CA THR D 51 27.04 -7.57 -1.08
C THR D 51 28.16 -7.51 -2.12
N ALA D 52 27.93 -6.78 -3.21
CA ALA D 52 28.92 -6.47 -4.24
C ALA D 52 29.36 -7.71 -5.03
N SER D 53 28.94 -8.89 -4.61
CA SER D 53 29.26 -10.10 -5.37
C SER D 53 28.10 -11.09 -5.51
N THR D 54 27.02 -10.96 -4.74
CA THR D 54 25.94 -11.95 -4.74
C THR D 54 24.86 -11.52 -5.72
N LEU D 55 24.68 -12.29 -6.78
CA LEU D 55 23.68 -11.97 -7.78
C LEU D 55 22.29 -12.19 -7.21
N GLN D 56 21.39 -11.24 -7.49
CA GLN D 56 20.00 -11.38 -7.07
C GLN D 56 19.32 -12.50 -7.86
N SER D 57 18.47 -13.25 -7.17
CA SER D 57 17.75 -14.35 -7.81
C SER D 57 16.88 -13.81 -8.94
N GLY D 58 17.06 -14.34 -10.14
CA GLY D 58 16.35 -13.91 -11.32
C GLY D 58 17.18 -13.07 -12.28
N VAL D 59 18.28 -12.49 -11.80
CA VAL D 59 19.17 -11.71 -12.66
C VAL D 59 20.00 -12.66 -13.51
N PRO D 60 20.16 -12.40 -14.80
CA PRO D 60 20.98 -13.29 -15.64
C PRO D 60 22.43 -13.29 -15.20
N SER D 61 23.10 -14.41 -15.48
CA SER D 61 24.51 -14.59 -15.10
C SER D 61 25.45 -13.66 -15.87
N ARG D 62 24.96 -13.00 -16.92
CA ARG D 62 25.80 -12.06 -17.66
C ARG D 62 26.25 -10.89 -16.78
N PHE D 63 25.52 -10.58 -15.73
CA PHE D 63 25.91 -9.53 -14.80
C PHE D 63 26.82 -10.12 -13.73
N SER D 64 27.99 -9.50 -13.55
CA SER D 64 29.01 -10.00 -12.62
C SER D 64 29.58 -8.81 -11.85
N GLY D 65 29.06 -8.59 -10.64
CA GLY D 65 29.62 -7.57 -9.79
C GLY D 65 30.96 -7.98 -9.21
N GLY D 66 31.72 -6.97 -8.79
CA GLY D 66 33.04 -7.23 -8.24
C GLY D 66 33.54 -6.04 -7.45
N GLY D 67 34.73 -6.20 -6.90
CA GLY D 67 35.36 -5.16 -6.11
C GLY D 67 35.25 -5.44 -4.61
N SER D 68 36.13 -4.79 -3.85
CA SER D 68 36.16 -4.95 -2.40
C SER D 68 36.89 -3.76 -1.79
N GLY D 69 36.27 -3.15 -0.79
CA GLY D 69 36.89 -2.02 -0.11
C GLY D 69 36.44 -0.68 -0.64
N THR D 70 37.29 -0.04 -1.45
CA THR D 70 37.01 1.30 -1.95
C THR D 70 36.52 1.31 -3.40
N ASP D 71 36.96 0.36 -4.23
CA ASP D 71 36.65 0.35 -5.65
C ASP D 71 35.85 -0.91 -5.98
N PHE D 72 34.77 -0.74 -6.73
CA PHE D 72 33.91 -1.83 -7.15
C PHE D 72 33.66 -1.74 -8.64
N THR D 73 32.99 -2.75 -9.19
CA THR D 73 32.70 -2.80 -10.61
C THR D 73 31.45 -3.61 -10.86
N LEU D 74 30.83 -3.36 -12.02
CA LEU D 74 29.69 -4.13 -12.50
C LEU D 74 29.95 -4.47 -13.96
N THR D 75 30.13 -5.77 -14.25
CA THR D 75 30.55 -6.23 -15.56
C THR D 75 29.40 -6.96 -16.25
N ILE D 76 29.10 -6.55 -17.48
CA ILE D 76 28.14 -7.24 -18.33
C ILE D 76 28.94 -7.93 -19.42
N SER D 77 28.97 -9.27 -19.39
CA SER D 77 29.77 -10.02 -20.34
C SER D 77 29.25 -9.86 -21.77
N SER D 78 27.95 -10.02 -21.95
CA SER D 78 27.31 -9.88 -23.27
C SER D 78 26.15 -8.91 -23.13
N LEU D 79 26.34 -7.68 -23.60
CA LEU D 79 25.29 -6.67 -23.51
C LEU D 79 24.15 -7.04 -24.45
N GLN D 80 22.96 -7.21 -23.88
CA GLN D 80 21.76 -7.58 -24.61
C GLN D 80 20.86 -6.37 -24.81
N PRO D 81 19.94 -6.42 -25.77
CA PRO D 81 19.02 -5.29 -25.98
C PRO D 81 18.20 -4.95 -24.75
N GLU D 82 17.94 -5.91 -23.87
CA GLU D 82 17.16 -5.66 -22.68
C GLU D 82 17.97 -5.02 -21.55
N ASP D 83 19.28 -4.87 -21.72
CA ASP D 83 20.13 -4.27 -20.71
C ASP D 83 20.46 -2.81 -21.01
N PHE D 84 19.62 -2.15 -21.81
CA PHE D 84 19.83 -0.75 -22.18
C PHE D 84 19.04 0.12 -21.21
N ALA D 85 19.68 0.50 -20.11
CA ALA D 85 19.04 1.28 -19.06
C ALA D 85 20.12 2.00 -18.27
N THR D 86 19.74 2.56 -17.12
CA THR D 86 20.65 3.27 -16.24
C THR D 86 20.95 2.41 -15.02
N TYR D 87 22.19 2.50 -14.53
CA TYR D 87 22.66 1.67 -13.43
C TYR D 87 23.19 2.55 -12.30
N TYR D 88 22.93 2.11 -11.06
CA TYR D 88 23.32 2.85 -9.87
C TYR D 88 24.03 1.93 -8.89
N CYS D 89 24.80 2.53 -7.99
CA CYS D 89 25.45 1.82 -6.90
C CYS D 89 25.04 2.44 -5.57
N GLN D 90 24.77 1.59 -4.58
CA GLN D 90 24.32 2.03 -3.27
C GLN D 90 25.05 1.23 -2.21
N GLN D 91 25.28 1.86 -1.06
CA GLN D 91 26.05 1.26 0.03
C GLN D 91 25.14 0.92 1.21
N ASN D 92 25.61 -0.03 2.02
CA ASN D 92 24.91 -0.43 3.24
C ASN D 92 25.70 -0.10 4.50
N TYR D 93 26.84 0.58 4.37
CA TYR D 93 27.73 0.79 5.50
C TYR D 93 27.07 1.64 6.59
N ASN D 94 26.78 2.89 6.30
CA ASN D 94 26.31 3.85 7.29
C ASN D 94 24.83 4.18 7.07
N THR D 95 24.27 4.90 8.04
CA THR D 95 22.83 5.17 8.02
C THR D 95 22.37 5.94 6.79
N PRO D 96 23.07 6.96 6.26
CA PRO D 96 22.61 7.57 5.01
C PRO D 96 22.87 6.64 3.82
N ARG D 97 21.81 6.07 3.25
CA ARG D 97 21.94 5.15 2.12
C ARG D 97 22.23 5.99 0.88
N THR D 98 23.50 6.34 0.71
CA THR D 98 23.92 7.21 -0.38
C THR D 98 23.94 6.46 -1.70
N PHE D 99 23.30 7.03 -2.71
CA PHE D 99 23.26 6.45 -4.05
C PHE D 99 24.39 7.00 -4.90
N GLY D 100 24.60 6.37 -6.06
CA GLY D 100 25.51 6.88 -7.05
C GLY D 100 24.84 7.90 -7.96
N GLN D 101 25.64 8.49 -8.85
CA GLN D 101 25.12 9.47 -9.79
C GLN D 101 24.47 8.85 -11.01
N GLY D 102 24.65 7.56 -11.24
CA GLY D 102 24.02 6.87 -12.34
C GLY D 102 24.95 6.72 -13.54
N THR D 103 24.62 5.74 -14.37
CA THR D 103 25.38 5.47 -15.59
C THR D 103 24.42 4.98 -16.67
N LYS D 104 24.26 5.76 -17.73
CA LYS D 104 23.32 5.44 -18.80
C LYS D 104 24.03 4.72 -19.93
N VAL D 105 23.39 3.68 -20.45
CA VAL D 105 23.92 2.90 -21.57
C VAL D 105 23.09 3.20 -22.80
N ASP D 106 23.78 3.58 -23.88
CA ASP D 106 23.13 3.92 -25.14
C ASP D 106 23.55 2.94 -26.22
N ILE D 107 22.65 2.70 -27.16
CA ILE D 107 22.96 1.84 -28.30
C ILE D 107 23.82 2.61 -29.29
N LYS D 108 24.65 1.88 -30.03
CA LYS D 108 25.65 2.49 -30.89
C LYS D 108 25.14 2.57 -32.33
N ARG D 109 25.36 3.72 -32.96
CA ARG D 109 25.01 3.93 -34.35
C ARG D 109 25.97 4.95 -34.95
N THR D 110 25.82 5.21 -36.25
CA THR D 110 26.68 6.16 -36.93
C THR D 110 26.47 7.57 -36.40
N VAL D 111 27.55 8.34 -36.36
CA VAL D 111 27.49 9.72 -35.88
C VAL D 111 26.71 10.55 -36.89
N ALA D 112 25.60 11.15 -36.43
CA ALA D 112 24.71 11.92 -37.28
C ALA D 112 24.69 13.37 -36.82
N ALA D 113 24.87 14.30 -37.75
CA ALA D 113 24.83 15.71 -37.43
C ALA D 113 23.40 16.15 -37.11
N PRO D 114 23.23 17.12 -36.24
CA PRO D 114 21.89 17.60 -35.88
C PRO D 114 21.29 18.46 -36.99
N SER D 115 20.06 18.93 -36.73
CA SER D 115 19.35 19.83 -37.63
C SER D 115 18.97 21.05 -36.81
N VAL D 116 19.87 22.03 -36.75
CA VAL D 116 19.67 23.20 -35.91
C VAL D 116 18.56 24.06 -36.50
N PHE D 117 17.62 24.47 -35.65
CA PHE D 117 16.49 25.31 -36.06
C PHE D 117 16.22 26.35 -34.98
N ILE D 118 15.60 27.45 -35.38
CA ILE D 118 15.34 28.57 -34.49
C ILE D 118 13.90 29.06 -34.72
N PHE D 119 13.22 29.41 -33.64
CA PHE D 119 11.85 29.90 -33.71
C PHE D 119 11.71 31.17 -32.87
N PRO D 120 11.23 32.27 -33.46
CA PRO D 120 11.08 33.50 -32.69
C PRO D 120 9.85 33.45 -31.80
N PRO D 121 9.75 34.35 -30.82
CA PRO D 121 8.53 34.40 -29.99
C PRO D 121 7.30 34.71 -30.83
N SER D 122 6.17 34.14 -30.40
CA SER D 122 4.92 34.34 -31.12
C SER D 122 4.41 35.76 -30.91
N ASP D 123 3.61 36.23 -31.87
CA ASP D 123 3.03 37.57 -31.78
C ASP D 123 2.08 37.68 -30.60
N GLU D 124 1.24 36.66 -30.39
CA GLU D 124 0.34 36.68 -29.24
C GLU D 124 1.11 36.51 -27.94
N GLN D 125 2.21 35.75 -27.95
CA GLN D 125 3.03 35.62 -26.75
C GLN D 125 3.65 36.95 -26.36
N LEU D 126 4.08 37.73 -27.35
CA LEU D 126 4.68 39.04 -27.10
C LEU D 126 3.70 40.07 -26.56
N LYS D 127 2.41 39.72 -26.46
CA LYS D 127 1.42 40.61 -25.89
C LYS D 127 1.16 40.35 -24.41
N SER D 128 1.66 39.25 -23.86
CA SER D 128 1.43 38.88 -22.47
C SER D 128 2.59 39.23 -21.56
N GLY D 129 3.59 39.95 -22.06
CA GLY D 129 4.73 40.32 -21.25
C GLY D 129 5.84 39.30 -21.17
N THR D 130 5.75 38.20 -21.92
CA THR D 130 6.77 37.17 -21.93
C THR D 130 7.21 36.90 -23.36
N ALA D 131 8.47 36.50 -23.52
CA ALA D 131 9.03 36.15 -24.82
C ALA D 131 9.85 34.88 -24.68
N SER D 132 9.60 33.91 -25.56
CA SER D 132 10.29 32.62 -25.52
C SER D 132 10.88 32.33 -26.89
N VAL D 133 12.15 31.96 -26.92
CA VAL D 133 12.85 31.59 -28.14
C VAL D 133 13.27 30.13 -28.02
N VAL D 134 12.95 29.34 -29.04
CA VAL D 134 13.16 27.89 -29.02
C VAL D 134 14.21 27.52 -30.06
N CYS D 135 15.21 26.76 -29.64
CA CYS D 135 16.23 26.22 -30.53
C CYS D 135 16.10 24.70 -30.57
N LEU D 136 15.99 24.15 -31.78
CA LEU D 136 15.67 22.74 -31.97
C LEU D 136 16.82 22.03 -32.67
N LEU D 137 17.23 20.90 -32.09
CA LEU D 137 18.15 19.96 -32.72
C LEU D 137 17.43 18.64 -32.93
N ASN D 138 17.43 18.15 -34.18
CA ASN D 138 16.64 16.99 -34.56
C ASN D 138 17.53 15.88 -35.08
N ASN D 139 17.37 14.68 -34.52
CA ASN D 139 17.96 13.44 -35.05
C ASN D 139 19.49 13.54 -35.13
N PHE D 140 20.11 13.65 -33.96
CA PHE D 140 21.56 13.71 -33.85
C PHE D 140 22.05 12.62 -32.90
N TYR D 141 23.26 12.13 -33.17
CA TYR D 141 23.92 11.12 -32.36
C TYR D 141 25.41 11.42 -32.39
N PRO D 142 26.09 11.37 -31.24
CA PRO D 142 25.56 11.01 -29.92
C PRO D 142 24.80 12.14 -29.23
N ARG D 143 24.48 11.94 -27.95
CA ARG D 143 23.70 12.91 -27.21
C ARG D 143 24.49 14.15 -26.85
N GLU D 144 25.81 14.01 -26.64
CA GLU D 144 26.65 15.11 -26.18
C GLU D 144 26.60 16.31 -27.12
N ALA D 145 26.03 17.41 -26.64
CA ALA D 145 25.94 18.64 -27.41
C ALA D 145 25.87 19.82 -26.46
N LYS D 146 26.27 20.98 -26.96
CA LYS D 146 26.27 22.21 -26.18
C LYS D 146 25.43 23.27 -26.89
N VAL D 147 24.57 23.94 -26.13
CA VAL D 147 23.71 25.00 -26.66
C VAL D 147 24.12 26.31 -25.99
N GLN D 148 24.45 27.30 -26.82
CA GLN D 148 24.89 28.60 -26.34
C GLN D 148 23.90 29.65 -26.83
N TRP D 149 23.17 30.27 -25.90
CA TRP D 149 22.21 31.32 -26.23
C TRP D 149 22.93 32.65 -26.26
N LYS D 150 23.38 33.04 -27.46
CA LYS D 150 24.11 34.29 -27.65
C LYS D 150 23.14 35.36 -28.13
N VAL D 151 23.03 36.44 -27.35
CA VAL D 151 22.14 37.56 -27.65
C VAL D 151 23.00 38.81 -27.82
N ASP D 152 22.86 39.49 -28.95
CA ASP D 152 23.68 40.65 -29.29
C ASP D 152 25.16 40.30 -29.24
N ASN D 153 25.49 39.11 -29.75
CA ASN D 153 26.86 38.57 -29.70
C ASN D 153 27.37 38.51 -28.26
N ALA D 154 26.50 38.11 -27.34
CA ALA D 154 26.86 37.95 -25.94
C ALA D 154 26.08 36.77 -25.38
N LEU D 155 26.79 35.72 -24.97
CA LEU D 155 26.15 34.52 -24.48
C LEU D 155 25.40 34.80 -23.18
N GLN D 156 24.26 34.13 -23.03
CA GLN D 156 23.41 34.29 -21.85
C GLN D 156 23.39 33.00 -21.05
N SER D 157 23.51 33.13 -19.73
CA SER D 157 23.51 31.99 -18.83
C SER D 157 22.50 32.22 -17.71
N GLY D 158 21.94 31.14 -17.19
CA GLY D 158 20.96 31.21 -16.14
C GLY D 158 19.54 31.49 -16.60
N ASN D 159 19.28 31.43 -17.91
CA ASN D 159 17.95 31.69 -18.44
C ASN D 159 17.52 30.67 -19.49
N SER D 160 18.28 29.58 -19.65
CA SER D 160 18.00 28.57 -20.65
C SER D 160 17.60 27.25 -19.99
N GLN D 161 16.55 26.63 -20.52
CA GLN D 161 16.07 25.34 -20.05
C GLN D 161 16.03 24.38 -21.23
N GLU D 162 16.60 23.18 -21.04
CA GLU D 162 16.75 22.20 -22.11
C GLU D 162 15.89 20.98 -21.83
N SER D 163 15.25 20.47 -22.89
CA SER D 163 14.47 19.24 -22.84
C SER D 163 14.96 18.32 -23.93
N VAL D 164 15.21 17.05 -23.59
CA VAL D 164 15.73 16.08 -24.53
C VAL D 164 14.80 14.88 -24.57
N THR D 165 14.76 14.23 -25.72
CA THR D 165 13.94 13.04 -25.93
C THR D 165 14.80 11.78 -25.88
N GLU D 166 14.16 10.66 -25.56
CA GLU D 166 14.86 9.39 -25.50
C GLU D 166 15.23 8.92 -26.91
N GLN D 167 16.11 7.91 -26.96
CA GLN D 167 16.54 7.36 -28.23
C GLN D 167 15.36 6.79 -28.99
N ASP D 168 15.06 7.37 -30.16
CA ASP D 168 13.98 6.87 -30.99
C ASP D 168 14.28 5.46 -31.45
N SER D 169 13.23 4.64 -31.53
CA SER D 169 13.43 3.22 -31.84
C SER D 169 14.01 3.03 -33.24
N LYS D 170 13.56 3.82 -34.21
CA LYS D 170 13.99 3.63 -35.59
C LYS D 170 15.37 4.21 -35.84
N ASP D 171 15.52 5.53 -35.69
CA ASP D 171 16.76 6.20 -36.06
C ASP D 171 17.84 6.15 -34.98
N SER D 172 17.48 5.77 -33.75
CA SER D 172 18.44 5.65 -32.64
C SER D 172 19.15 6.96 -32.36
N THR D 173 18.47 8.09 -32.55
CA THR D 173 19.01 9.41 -32.33
C THR D 173 18.21 10.13 -31.25
N TYR D 174 18.62 11.36 -30.95
CA TYR D 174 18.00 12.18 -29.92
C TYR D 174 17.39 13.43 -30.55
N SER D 175 16.83 14.29 -29.69
CA SER D 175 16.29 15.57 -30.10
C SER D 175 16.32 16.50 -28.89
N LEU D 176 16.79 17.73 -29.10
CA LEU D 176 16.97 18.69 -28.02
C LEU D 176 16.26 19.99 -28.35
N SER D 177 15.61 20.57 -27.34
CA SER D 177 14.91 21.85 -27.48
C SER D 177 15.31 22.75 -26.32
N SER D 178 15.96 23.86 -26.64
CA SER D 178 16.38 24.84 -25.65
C SER D 178 15.47 26.07 -25.74
N THR D 179 14.91 26.47 -24.60
CA THR D 179 13.97 27.59 -24.54
C THR D 179 14.61 28.73 -23.76
N LEU D 180 14.63 29.91 -24.36
CA LEU D 180 15.15 31.13 -23.74
C LEU D 180 13.96 32.00 -23.35
N THR D 181 13.67 32.09 -22.06
CA THR D 181 12.53 32.84 -21.55
C THR D 181 13.01 34.17 -21.00
N LEU D 182 12.40 35.26 -21.50
CA LEU D 182 12.76 36.60 -21.09
C LEU D 182 11.57 37.53 -21.28
N SER D 183 11.61 38.67 -20.62
CA SER D 183 10.49 39.60 -20.62
C SER D 183 10.37 40.30 -21.97
N LYS D 184 9.17 40.83 -22.23
CA LYS D 184 8.92 41.53 -23.48
C LYS D 184 9.80 42.77 -23.62
N ALA D 185 9.98 43.52 -22.53
CA ALA D 185 10.81 44.71 -22.58
C ALA D 185 12.25 44.38 -22.94
N ASP D 186 12.78 43.28 -22.37
CA ASP D 186 14.13 42.86 -22.72
C ASP D 186 14.22 42.36 -24.15
N TYR D 187 13.10 41.84 -24.69
CA TYR D 187 13.11 41.34 -26.06
C TYR D 187 13.29 42.48 -27.07
N GLU D 188 12.62 43.60 -26.84
CA GLU D 188 12.65 44.71 -27.78
C GLU D 188 13.81 45.67 -27.54
N LYS D 189 14.70 45.35 -26.60
CA LYS D 189 15.91 46.14 -26.38
C LYS D 189 17.09 45.64 -27.20
N HIS D 190 16.94 44.53 -27.92
CA HIS D 190 18.02 43.97 -28.73
C HIS D 190 17.45 43.47 -30.05
N LYS D 191 18.34 43.33 -31.03
CA LYS D 191 17.94 43.04 -32.40
C LYS D 191 18.18 41.60 -32.81
N VAL D 192 19.41 41.10 -32.65
CA VAL D 192 19.80 39.79 -33.16
C VAL D 192 19.84 38.80 -32.01
N TYR D 193 19.15 37.67 -32.19
CA TYR D 193 19.14 36.57 -31.24
C TYR D 193 19.66 35.33 -31.93
N ALA D 194 20.66 34.68 -31.33
CA ALA D 194 21.38 33.60 -31.97
C ALA D 194 21.39 32.36 -31.08
N CYS D 195 21.63 31.21 -31.70
CA CYS D 195 21.73 29.92 -31.01
C CYS D 195 22.97 29.20 -31.51
N GLU D 196 24.04 29.22 -30.72
CA GLU D 196 25.28 28.55 -31.08
C GLU D 196 25.22 27.09 -30.65
N VAL D 197 25.47 26.18 -31.60
CA VAL D 197 25.39 24.75 -31.37
C VAL D 197 26.72 24.13 -31.74
N THR D 198 27.27 23.32 -30.82
CA THR D 198 28.49 22.56 -31.06
C THR D 198 28.20 21.08 -30.83
N HIS D 199 28.60 20.25 -31.79
CA HIS D 199 28.30 18.83 -31.72
C HIS D 199 29.35 18.06 -32.52
N GLN D 200 29.48 16.77 -32.20
CA GLN D 200 30.52 15.95 -32.83
C GLN D 200 30.32 15.86 -34.33
N GLY D 201 29.08 15.67 -34.78
CA GLY D 201 28.84 15.56 -36.21
C GLY D 201 29.20 16.82 -36.97
N LEU D 202 28.90 17.98 -36.40
CA LEU D 202 29.24 19.25 -37.04
C LEU D 202 30.74 19.48 -36.95
N SER D 203 31.41 19.53 -38.10
CA SER D 203 32.83 19.82 -38.12
C SER D 203 33.12 21.20 -37.57
N SER D 204 32.29 22.18 -37.93
CA SER D 204 32.38 23.53 -37.39
C SER D 204 31.06 23.90 -36.71
N PRO D 205 31.11 24.70 -35.65
CA PRO D 205 29.88 25.09 -34.94
C PRO D 205 28.88 25.75 -35.88
N VAL D 206 27.73 25.11 -36.05
CA VAL D 206 26.66 25.63 -36.88
C VAL D 206 25.75 26.50 -36.01
N THR D 207 25.55 27.75 -36.42
CA THR D 207 24.79 28.71 -35.65
C THR D 207 23.71 29.33 -36.52
N LYS D 208 22.50 29.46 -35.96
CA LYS D 208 21.38 30.11 -36.62
C LYS D 208 20.91 31.30 -35.79
N SER D 209 20.49 32.36 -36.47
CA SER D 209 20.11 33.58 -35.79
C SER D 209 19.01 34.29 -36.58
N PHE D 210 18.30 35.18 -35.89
CA PHE D 210 17.22 35.94 -36.49
C PHE D 210 17.22 37.35 -35.93
N ASN D 211 16.61 38.26 -36.67
CA ASN D 211 16.45 39.65 -36.25
C ASN D 211 15.03 39.88 -35.73
N ARG D 212 14.91 40.90 -34.87
CA ARG D 212 13.63 41.14 -34.19
C ARG D 212 12.53 41.48 -35.18
N GLY D 213 12.81 42.31 -36.19
CA GLY D 213 11.79 42.71 -37.12
C GLY D 213 11.34 41.61 -38.08
N GLU D 214 12.13 40.56 -38.21
CA GLU D 214 11.79 39.46 -39.11
C GLU D 214 11.71 38.14 -38.36
C1 NAG E . -6.74 0.96 15.57
C2 NAG E . -6.78 1.41 17.03
C3 NAG E . -6.99 2.92 17.13
C4 NAG E . -6.01 3.68 16.25
C5 NAG E . -6.05 3.14 14.83
C6 NAG E . -5.04 3.76 13.91
C7 NAG E . -7.71 -0.56 18.17
C8 NAG E . -8.89 -1.11 18.90
N2 NAG E . -7.82 0.70 17.76
O3 NAG E . -6.83 3.33 18.48
O4 NAG E . -6.35 5.05 16.23
O5 NAG E . -5.78 1.73 14.85
O6 NAG E . -3.71 3.57 14.39
O7 NAG E . -6.70 -1.23 17.96
C1 NAG E . -5.33 5.83 16.90
C2 NAG E . -5.45 7.28 16.41
C3 NAG E . -4.43 8.16 17.13
C4 NAG E . -4.57 8.02 18.64
C5 NAG E . -4.49 6.55 19.04
C6 NAG E . -4.74 6.31 20.51
C7 NAG E . -4.18 7.02 14.30
C8 NAG E . -4.23 7.21 12.82
N2 NAG E . -5.28 7.38 14.97
O3 NAG E . -4.62 9.52 16.76
O4 NAG E . -3.54 8.73 19.31
O5 NAG E . -5.48 5.79 18.32
O6 NAG E . -5.67 7.26 21.04
O7 NAG E . -3.18 6.58 14.86
C1 NAG F . 5.16 -8.79 35.68
C2 NAG F . 4.33 -10.01 36.07
C3 NAG F . 2.85 -9.65 36.12
C4 NAG F . 2.62 -8.44 37.01
C5 NAG F . 3.52 -7.29 36.59
C6 NAG F . 3.43 -6.09 37.50
C7 NAG F . 4.92 -12.34 35.56
C8 NAG F . 5.10 -13.36 34.47
N2 NAG F . 4.56 -11.12 35.16
O3 NAG F . 2.10 -10.76 36.59
O4 NAG F . 1.26 -8.03 36.94
O5 NAG F . 4.89 -7.72 36.58
O6 NAG F . 4.72 -5.56 37.77
O7 NAG F . 5.08 -12.60 36.74
MG MG G . -20.13 9.37 17.84
MG MG H . 17.71 0.91 20.10
C1 NAG I . 31.99 12.33 2.55
C2 NAG I . 32.95 12.91 3.57
C3 NAG I . 32.24 13.98 4.38
C4 NAG I . 31.59 15.01 3.46
C5 NAG I . 30.76 14.34 2.38
C6 NAG I . 30.25 15.32 1.34
C7 NAG I . 34.79 11.80 4.76
C8 NAG I . 35.69 12.86 4.18
N2 NAG I . 33.50 11.88 4.43
O3 NAG I . 33.16 14.62 5.27
O4 NAG I . 30.74 15.87 4.23
O5 NAG I . 31.53 13.35 1.67
O6 NAG I . 31.28 15.74 0.46
O7 NAG I . 35.22 10.92 5.49
#